data_9KCC
# 
_entry.id   9KCC 
# 
_audit_conform.dict_name       mmcif_pdbx.dic 
_audit_conform.dict_version    5.404 
_audit_conform.dict_location   http://mmcif.pdb.org/dictionaries/ascii/mmcif_pdbx.dic 
# 
loop_
_database_2.database_id 
_database_2.database_code 
_database_2.pdbx_database_accession 
_database_2.pdbx_DOI 
PDB   9KCC         pdb_00009kcc 10.2210/pdb9kcc/pdb 
WWPDB D_1300053276 ?            ?                   
# 
_pdbx_audit_revision_history.ordinal             1 
_pdbx_audit_revision_history.data_content_type   'Structure model' 
_pdbx_audit_revision_history.major_revision      1 
_pdbx_audit_revision_history.minor_revision      0 
_pdbx_audit_revision_history.revision_date       2025-09-10 
_pdbx_audit_revision_history.part_number         ? 
# 
_pdbx_audit_revision_details.ordinal             1 
_pdbx_audit_revision_details.revision_ordinal    1 
_pdbx_audit_revision_details.data_content_type   'Structure model' 
_pdbx_audit_revision_details.provider            repository 
_pdbx_audit_revision_details.type                'Initial release' 
_pdbx_audit_revision_details.description         ? 
_pdbx_audit_revision_details.details             ? 
# 
_pdbx_database_status.status_code                     REL 
_pdbx_database_status.status_code_sf                  REL 
_pdbx_database_status.status_code_mr                  ? 
_pdbx_database_status.entry_id                        9KCC 
_pdbx_database_status.recvd_initial_deposition_date   2024-11-01 
_pdbx_database_status.SG_entry                        N 
_pdbx_database_status.deposit_site                    PDBJ 
_pdbx_database_status.process_site                    PDBJ 
_pdbx_database_status.status_code_cs                  ? 
_pdbx_database_status.status_code_nmr_data            ? 
_pdbx_database_status.methods_development_category    ? 
_pdbx_database_status.pdb_format_compatible           Y 
# 
_pdbx_contact_author.id                 2 
_pdbx_contact_author.email              j.kondo@sophia.ac.jp 
_pdbx_contact_author.name_first         Jiro 
_pdbx_contact_author.name_last          Kondo 
_pdbx_contact_author.name_mi            ? 
_pdbx_contact_author.role               'principal investigator/group leader' 
_pdbx_contact_author.identifier_ORCID   0000-0002-5682-3685 
# 
loop_
_audit_author.name 
_audit_author.pdbx_ordinal 
_audit_author.identifier_ORCID 
'Kondo, J.'       1 ? 
'Hirabayashi, K.' 2 ? 
'Torigoe, H.'     3 ? 
'Adachi, S.'      4 ? 
# 
_citation.abstract                  ? 
_citation.abstract_id_CAS           ? 
_citation.book_id_ISBN              ? 
_citation.book_publisher            ? 
_citation.book_publisher_city       ? 
_citation.book_title                ? 
_citation.coordinate_linkage        ? 
_citation.country                   UK 
_citation.database_id_Medline       ? 
_citation.details                   ? 
_citation.id                        primary 
_citation.journal_abbrev            'Dalton Trans' 
_citation.journal_id_ASTM           ? 
_citation.journal_id_CSD            ? 
_citation.journal_id_ISSN           1477-9234 
_citation.journal_full              ? 
_citation.journal_issue             ? 
_citation.journal_volume            54 
_citation.language                  ? 
_citation.page_first                7208 
_citation.page_last                 7213 
_citation.title                     
'Novel specific binding of copper ions to naturally modified base pairs involving 5-fluorouracil in duplex DNA.' 
_citation.year                      2025 
_citation.database_id_CSD           ? 
_citation.pdbx_database_id_DOI      10.1039/d5dt00619h 
_citation.pdbx_database_id_PubMed   40265694 
_citation.pdbx_database_id_patent   ? 
_citation.unpublished_flag          ? 
# 
loop_
_citation_author.citation_id 
_citation_author.name 
_citation_author.ordinal 
_citation_author.identifier_ORCID 
primary 'Torigoe, H.'     1 0000-0003-4742-6132 
primary 'Hirabayashi, K.' 2 ?                   
primary 'Adachi, S.'      3 ?                   
primary 'Kondo, J.'       4 ?                   
# 
loop_
_entity.id 
_entity.type 
_entity.src_method 
_entity.pdbx_description 
_entity.formula_weight 
_entity.pdbx_number_of_molecules 
_entity.pdbx_ec 
_entity.pdbx_mutation 
_entity.pdbx_fragment 
_entity.details 
1 polymer     syn 
;DNA (5'-D(*GP*GP*AP*CP*CP*CP*(UFP)P*GP*GP*TP*CP*C)-3')
;
3643.331 1 ? ? ? ? 
2 non-polymer syn 'COPPER (II) ION'                                        63.546   1 ? ? ? ? 
# 
_entity_poly.entity_id                      1 
_entity_poly.type                           polydeoxyribonucleotide 
_entity_poly.nstd_linkage                   no 
_entity_poly.nstd_monomer                   yes 
_entity_poly.pdbx_seq_one_letter_code       '(DG)(DG)(DA)(DC)(DC)(DC)(UFP)(DG)(DG)(DT)(DC)(DC)' 
_entity_poly.pdbx_seq_one_letter_code_can   GGACCCNGGTCC 
_entity_poly.pdbx_strand_id                 A 
_entity_poly.pdbx_target_identifier         ? 
# 
_pdbx_entity_nonpoly.entity_id   2 
_pdbx_entity_nonpoly.name        'COPPER (II) ION' 
_pdbx_entity_nonpoly.comp_id     CU 
# 
loop_
_entity_poly_seq.entity_id 
_entity_poly_seq.num 
_entity_poly_seq.mon_id 
_entity_poly_seq.hetero 
1 1  DG  n 
1 2  DG  n 
1 3  DA  n 
1 4  DC  n 
1 5  DC  n 
1 6  DC  n 
1 7  UFP n 
1 8  DG  n 
1 9  DG  n 
1 10 DT  n 
1 11 DC  n 
1 12 DC  n 
# 
_pdbx_entity_src_syn.entity_id              1 
_pdbx_entity_src_syn.pdbx_src_id            1 
_pdbx_entity_src_syn.pdbx_alt_source_flag   sample 
_pdbx_entity_src_syn.pdbx_beg_seq_num       1 
_pdbx_entity_src_syn.pdbx_end_seq_num       12 
_pdbx_entity_src_syn.organism_scientific    'synthetic construct' 
_pdbx_entity_src_syn.organism_common_name   ? 
_pdbx_entity_src_syn.ncbi_taxonomy_id       32630 
_pdbx_entity_src_syn.details                ? 
# 
loop_
_chem_comp.id 
_chem_comp.type 
_chem_comp.mon_nstd_flag 
_chem_comp.name 
_chem_comp.pdbx_synonyms 
_chem_comp.formula 
_chem_comp.formula_weight 
CU  non-polymer   . 'COPPER (II) ION'                           ? 'Cu 2'             63.546  
DA  'DNA linking' y "2'-DEOXYADENOSINE-5'-MONOPHOSPHATE"        ? 'C10 H14 N5 O6 P'  331.222 
DC  'DNA linking' y "2'-DEOXYCYTIDINE-5'-MONOPHOSPHATE"         ? 'C9 H14 N3 O7 P'   307.197 
DG  'DNA linking' y "2'-DEOXYGUANOSINE-5'-MONOPHOSPHATE"        ? 'C10 H14 N5 O7 P'  347.221 
DT  'DNA linking' y "THYMIDINE-5'-MONOPHOSPHATE"                ? 'C10 H15 N2 O8 P'  322.208 
UFP 'DNA linking' . "5-FLUORO-2'-DEOXYURIDINE-5'-MONOPHOSPHATE" ? 'C9 H12 F N2 O8 P' 326.172 
# 
loop_
_pdbx_poly_seq_scheme.asym_id 
_pdbx_poly_seq_scheme.entity_id 
_pdbx_poly_seq_scheme.seq_id 
_pdbx_poly_seq_scheme.mon_id 
_pdbx_poly_seq_scheme.ndb_seq_num 
_pdbx_poly_seq_scheme.pdb_seq_num 
_pdbx_poly_seq_scheme.auth_seq_num 
_pdbx_poly_seq_scheme.pdb_mon_id 
_pdbx_poly_seq_scheme.auth_mon_id 
_pdbx_poly_seq_scheme.pdb_strand_id 
_pdbx_poly_seq_scheme.pdb_ins_code 
_pdbx_poly_seq_scheme.hetero 
A 1 1  DG  1  1  1  DG  DG  A . n 
A 1 2  DG  2  2  2  DG  DG  A . n 
A 1 3  DA  3  3  3  DA  DA  A . n 
A 1 4  DC  4  4  4  DC  DC  A . n 
A 1 5  DC  5  5  5  DC  DC  A . n 
A 1 6  DC  6  6  6  DC  DC  A . n 
A 1 7  UFP 7  7  7  UFP UFP A . n 
A 1 8  DG  8  8  8  DG  DG  A . n 
A 1 9  DG  9  9  9  DG  DG  A . n 
A 1 10 DT  10 10 10 DT  DT  A . n 
A 1 11 DC  11 11 11 DC  DC  A . n 
A 1 12 DC  12 12 12 DC  DC  A . n 
# 
_pdbx_entity_instance_feature.ordinal        1 
_pdbx_entity_instance_feature.comp_id        UFP 
_pdbx_entity_instance_feature.asym_id        ? 
_pdbx_entity_instance_feature.seq_num        ? 
_pdbx_entity_instance_feature.auth_comp_id   UFP 
_pdbx_entity_instance_feature.auth_asym_id   ? 
_pdbx_entity_instance_feature.auth_seq_num   ? 
_pdbx_entity_instance_feature.feature_type   'SUBJECT OF INVESTIGATION' 
_pdbx_entity_instance_feature.details        ? 
# 
_pdbx_nonpoly_scheme.asym_id         B 
_pdbx_nonpoly_scheme.entity_id       2 
_pdbx_nonpoly_scheme.mon_id          CU 
_pdbx_nonpoly_scheme.ndb_seq_num     1 
_pdbx_nonpoly_scheme.pdb_seq_num     101 
_pdbx_nonpoly_scheme.auth_seq_num    1 
_pdbx_nonpoly_scheme.pdb_mon_id      CU 
_pdbx_nonpoly_scheme.auth_mon_id     CU 
_pdbx_nonpoly_scheme.pdb_strand_id   A 
_pdbx_nonpoly_scheme.pdb_ins_code    . 
# 
loop_
_software.citation_id 
_software.classification 
_software.compiler_name 
_software.compiler_version 
_software.contact_author 
_software.contact_author_email 
_software.date 
_software.description 
_software.dependencies 
_software.hardware 
_software.language 
_software.location 
_software.mods 
_software.name 
_software.os 
_software.os_version 
_software.type 
_software.version 
_software.pdbx_ordinal 
? refinement       ? ? ? ? ? ? ? ? ? ? ? PHENIX ? ? ? '(1.20.1_4487: ???)' 1 
? 'data scaling'   ? ? ? ? ? ? ? ? ? ? ? XDS    ? ? ? .                    2 
? 'data reduction' ? ? ? ? ? ? ? ? ? ? ? XDS    ? ? ? .                    3 
? phasing          ? ? ? ? ? ? ? ? ? ? ? PHASER ? ? ? .                    4 
# 
_cell.angle_alpha                  90.00 
_cell.angle_alpha_esd              ? 
_cell.angle_beta                   90.00 
_cell.angle_beta_esd               ? 
_cell.angle_gamma                  90.00 
_cell.angle_gamma_esd              ? 
_cell.entry_id                     9KCC 
_cell.details                      ? 
_cell.formula_units_Z              ? 
_cell.length_a                     39.467 
_cell.length_a_esd                 ? 
_cell.length_b                     39.467 
_cell.length_b_esd                 ? 
_cell.length_c                     74.577 
_cell.length_c_esd                 ? 
_cell.volume                       ? 
_cell.volume_esd                   ? 
_cell.Z_PDB                        8 
_cell.reciprocal_angle_alpha       ? 
_cell.reciprocal_angle_beta        ? 
_cell.reciprocal_angle_gamma       ? 
_cell.reciprocal_angle_alpha_esd   ? 
_cell.reciprocal_angle_beta_esd    ? 
_cell.reciprocal_angle_gamma_esd   ? 
_cell.reciprocal_length_a          ? 
_cell.reciprocal_length_b          ? 
_cell.reciprocal_length_c          ? 
_cell.reciprocal_length_a_esd      ? 
_cell.reciprocal_length_b_esd      ? 
_cell.reciprocal_length_c_esd      ? 
_cell.pdbx_unique_axis             ? 
_cell.pdbx_esd_method              ? 
# 
_symmetry.entry_id                         9KCC 
_symmetry.cell_setting                     ? 
_symmetry.Int_Tables_number                92 
_symmetry.space_group_name_Hall            ? 
_symmetry.space_group_name_H-M             'P 41 21 2' 
_symmetry.pdbx_full_space_group_name_H-M   ? 
# 
_exptl.absorpt_coefficient_mu     ? 
_exptl.absorpt_correction_T_max   ? 
_exptl.absorpt_correction_T_min   ? 
_exptl.absorpt_correction_type    ? 
_exptl.absorpt_process_details    ? 
_exptl.entry_id                   9KCC 
_exptl.crystals_number            1 
_exptl.details                    ? 
_exptl.method                     'X-RAY DIFFRACTION' 
_exptl.method_details             ? 
# 
_exptl_crystal.colour                       ? 
_exptl_crystal.density_diffrn               ? 
_exptl_crystal.density_Matthews             3.99 
_exptl_crystal.density_method               ? 
_exptl_crystal.density_percent_sol          69.14 
_exptl_crystal.description                  ? 
_exptl_crystal.F_000                        ? 
_exptl_crystal.id                           1 
_exptl_crystal.preparation                  ? 
_exptl_crystal.size_max                     ? 
_exptl_crystal.size_mid                     ? 
_exptl_crystal.size_min                     ? 
_exptl_crystal.size_rad                     ? 
_exptl_crystal.colour_lustre                ? 
_exptl_crystal.colour_modifier              ? 
_exptl_crystal.colour_primary               ? 
_exptl_crystal.density_meas                 ? 
_exptl_crystal.density_meas_esd             ? 
_exptl_crystal.density_meas_gt              ? 
_exptl_crystal.density_meas_lt              ? 
_exptl_crystal.density_meas_temp            ? 
_exptl_crystal.density_meas_temp_esd        ? 
_exptl_crystal.density_meas_temp_gt         ? 
_exptl_crystal.density_meas_temp_lt         ? 
_exptl_crystal.pdbx_crystal_image_url       ? 
_exptl_crystal.pdbx_crystal_image_format    ? 
_exptl_crystal.pdbx_mosaicity               ? 
_exptl_crystal.pdbx_mosaicity_esd           ? 
_exptl_crystal.pdbx_mosaic_method           ? 
_exptl_crystal.pdbx_mosaic_block_size       ? 
_exptl_crystal.pdbx_mosaic_block_size_esd   ? 
# 
_exptl_crystal_grow.apparatus       ? 
_exptl_crystal_grow.atmosphere      ? 
_exptl_crystal_grow.crystal_id      1 
_exptl_crystal_grow.details         ? 
_exptl_crystal_grow.method          'VAPOR DIFFUSION, HANGING DROP' 
_exptl_crystal_grow.method_ref      ? 
_exptl_crystal_grow.pH              ? 
_exptl_crystal_grow.pressure        ? 
_exptl_crystal_grow.pressure_esd    ? 
_exptl_crystal_grow.seeding         ? 
_exptl_crystal_grow.seeding_ref     ? 
_exptl_crystal_grow.temp_details    ? 
_exptl_crystal_grow.temp_esd        ? 
_exptl_crystal_grow.time            ? 
_exptl_crystal_grow.pdbx_details    'MPD, MOPS, Spermine, Copper chloride' 
_exptl_crystal_grow.pdbx_pH_range   ? 
_exptl_crystal_grow.temp            293 
# 
_diffrn.ambient_environment              ? 
_diffrn.ambient_temp                     100 
_diffrn.ambient_temp_details             ? 
_diffrn.ambient_temp_esd                 ? 
_diffrn.crystal_id                       1 
_diffrn.crystal_support                  ? 
_diffrn.crystal_treatment                ? 
_diffrn.details                          ? 
_diffrn.id                               1 
_diffrn.ambient_pressure                 ? 
_diffrn.ambient_pressure_esd             ? 
_diffrn.ambient_pressure_gt              ? 
_diffrn.ambient_pressure_lt              ? 
_diffrn.ambient_temp_gt                  ? 
_diffrn.ambient_temp_lt                  ? 
_diffrn.pdbx_serial_crystal_experiment   N 
# 
_diffrn_detector.details                      ? 
_diffrn_detector.detector                     PIXEL 
_diffrn_detector.diffrn_id                    1 
_diffrn_detector.type                         'DECTRIS EIGER X 16M' 
_diffrn_detector.area_resol_mean              ? 
_diffrn_detector.dtime                        ? 
_diffrn_detector.pdbx_frames_total            ? 
_diffrn_detector.pdbx_collection_time_total   ? 
_diffrn_detector.pdbx_collection_date         2019-08-31 
_diffrn_detector.pdbx_frequency               ? 
_diffrn_detector.id                           ? 
_diffrn_detector.number_of_axes               ? 
# 
_diffrn_radiation.collimation                      ? 
_diffrn_radiation.diffrn_id                        1 
_diffrn_radiation.filter_edge                      ? 
_diffrn_radiation.inhomogeneity                    ? 
_diffrn_radiation.monochromator                    ? 
_diffrn_radiation.polarisn_norm                    ? 
_diffrn_radiation.polarisn_ratio                   ? 
_diffrn_radiation.probe                            ? 
_diffrn_radiation.type                             ? 
_diffrn_radiation.xray_symbol                      ? 
_diffrn_radiation.wavelength_id                    1 
_diffrn_radiation.pdbx_monochromatic_or_laue_m_l   M 
_diffrn_radiation.pdbx_wavelength_list             ? 
_diffrn_radiation.pdbx_wavelength                  ? 
_diffrn_radiation.pdbx_diffrn_protocol             'SINGLE WAVELENGTH' 
_diffrn_radiation.pdbx_analyzer                    ? 
_diffrn_radiation.pdbx_scattering_type             x-ray 
# 
_diffrn_radiation_wavelength.id           1 
_diffrn_radiation_wavelength.wavelength   1.37776 
_diffrn_radiation_wavelength.wt           1.0 
# 
_diffrn_source.current                     ? 
_diffrn_source.details                     ? 
_diffrn_source.diffrn_id                   1 
_diffrn_source.power                       ? 
_diffrn_source.size                        ? 
_diffrn_source.source                      SYNCHROTRON 
_diffrn_source.target                      ? 
_diffrn_source.type                        'SLS BEAMLINE X06SA' 
_diffrn_source.voltage                     ? 
_diffrn_source.take-off_angle              ? 
_diffrn_source.pdbx_wavelength_list        1.37776 
_diffrn_source.pdbx_wavelength             ? 
_diffrn_source.pdbx_synchrotron_beamline   X06SA 
_diffrn_source.pdbx_synchrotron_site       SLS 
# 
_reflns.B_iso_Wilson_estimate                          ? 
_reflns.entry_id                                       9KCC 
_reflns.data_reduction_details                         ? 
_reflns.data_reduction_method                          ? 
_reflns.d_resolution_high                              2.31 
_reflns.d_resolution_low                               27.96 
_reflns.details                                        ? 
_reflns.limit_h_max                                    ? 
_reflns.limit_h_min                                    ? 
_reflns.limit_k_max                                    ? 
_reflns.limit_k_min                                    ? 
_reflns.limit_l_max                                    ? 
_reflns.limit_l_min                                    ? 
_reflns.number_all                                     ? 
_reflns.number_obs                                     4875 
_reflns.observed_criterion                             ? 
_reflns.observed_criterion_F_max                       ? 
_reflns.observed_criterion_F_min                       ? 
_reflns.observed_criterion_I_max                       ? 
_reflns.observed_criterion_I_min                       ? 
_reflns.observed_criterion_sigma_F                     ? 
_reflns.observed_criterion_sigma_I                     ? 
_reflns.percent_possible_obs                           91.7 
_reflns.R_free_details                                 ? 
_reflns.Rmerge_F_all                                   ? 
_reflns.Rmerge_F_obs                                   ? 
_reflns.Friedel_coverage                               ? 
_reflns.number_gt                                      ? 
_reflns.threshold_expression                           ? 
_reflns.pdbx_redundancy                                13.6 
_reflns.pdbx_netI_over_av_sigmaI                       ? 
_reflns.pdbx_netI_over_sigmaI                          7.19 
_reflns.pdbx_res_netI_over_av_sigmaI_2                 ? 
_reflns.pdbx_res_netI_over_sigmaI_2                    ? 
_reflns.pdbx_chi_squared                               ? 
_reflns.pdbx_scaling_rejects                           ? 
_reflns.pdbx_d_res_high_opt                            ? 
_reflns.pdbx_d_res_low_opt                             ? 
_reflns.pdbx_d_res_opt_method                          ? 
_reflns.phase_calculation_details                      ? 
_reflns.pdbx_Rrim_I_all                                0.042 
_reflns.pdbx_Rpim_I_all                                ? 
_reflns.pdbx_d_opt                                     ? 
_reflns.pdbx_number_measured_all                       ? 
_reflns.pdbx_diffrn_id                                 1 
_reflns.pdbx_ordinal                                   1 
_reflns.pdbx_CC_half                                   0.998 
_reflns.pdbx_CC_star                                   ? 
_reflns.pdbx_R_split                                   ? 
_reflns.pdbx_Rmerge_I_obs                              0.032 
_reflns.pdbx_Rmerge_I_all                              ? 
_reflns.pdbx_Rsym_value                                ? 
_reflns.pdbx_CC_split_method                           ? 
_reflns.pdbx_aniso_diffraction_limit_axis_1_ortho[1]   ? 
_reflns.pdbx_aniso_diffraction_limit_axis_1_ortho[2]   ? 
_reflns.pdbx_aniso_diffraction_limit_axis_1_ortho[3]   ? 
_reflns.pdbx_aniso_diffraction_limit_axis_2_ortho[1]   ? 
_reflns.pdbx_aniso_diffraction_limit_axis_2_ortho[2]   ? 
_reflns.pdbx_aniso_diffraction_limit_axis_2_ortho[3]   ? 
_reflns.pdbx_aniso_diffraction_limit_axis_3_ortho[1]   ? 
_reflns.pdbx_aniso_diffraction_limit_axis_3_ortho[2]   ? 
_reflns.pdbx_aniso_diffraction_limit_axis_3_ortho[3]   ? 
_reflns.pdbx_aniso_diffraction_limit_1                 ? 
_reflns.pdbx_aniso_diffraction_limit_2                 ? 
_reflns.pdbx_aniso_diffraction_limit_3                 ? 
_reflns.pdbx_aniso_B_tensor_eigenvector_1_ortho[1]     ? 
_reflns.pdbx_aniso_B_tensor_eigenvector_1_ortho[2]     ? 
_reflns.pdbx_aniso_B_tensor_eigenvector_1_ortho[3]     ? 
_reflns.pdbx_aniso_B_tensor_eigenvector_2_ortho[1]     ? 
_reflns.pdbx_aniso_B_tensor_eigenvector_2_ortho[2]     ? 
_reflns.pdbx_aniso_B_tensor_eigenvector_2_ortho[3]     ? 
_reflns.pdbx_aniso_B_tensor_eigenvector_3_ortho[1]     ? 
_reflns.pdbx_aniso_B_tensor_eigenvector_3_ortho[2]     ? 
_reflns.pdbx_aniso_B_tensor_eigenvector_3_ortho[3]     ? 
_reflns.pdbx_aniso_B_tensor_eigenvalue_1               ? 
_reflns.pdbx_aniso_B_tensor_eigenvalue_2               ? 
_reflns.pdbx_aniso_B_tensor_eigenvalue_3               ? 
_reflns.pdbx_orthogonalization_convention              ? 
_reflns.pdbx_percent_possible_ellipsoidal              ? 
_reflns.pdbx_percent_possible_spherical                ? 
_reflns.pdbx_percent_possible_ellipsoidal_anomalous    ? 
_reflns.pdbx_percent_possible_spherical_anomalous      ? 
_reflns.pdbx_redundancy_anomalous                      ? 
_reflns.pdbx_CC_half_anomalous                         ? 
_reflns.pdbx_absDiff_over_sigma_anomalous              ? 
_reflns.pdbx_percent_possible_anomalous                ? 
_reflns.pdbx_observed_signal_threshold                 ? 
_reflns.pdbx_signal_type                               ? 
_reflns.pdbx_signal_details                            ? 
_reflns.pdbx_signal_software_id                        ? 
# 
loop_
_reflns_shell.d_res_high 
_reflns_shell.d_res_low 
_reflns_shell.meanI_over_sigI_all 
_reflns_shell.meanI_over_sigI_obs 
_reflns_shell.number_measured_all 
_reflns_shell.number_measured_obs 
_reflns_shell.number_possible 
_reflns_shell.number_unique_all 
_reflns_shell.number_unique_obs 
_reflns_shell.percent_possible_obs 
_reflns_shell.Rmerge_F_all 
_reflns_shell.Rmerge_F_obs 
_reflns_shell.meanI_over_sigI_gt 
_reflns_shell.meanI_over_uI_all 
_reflns_shell.meanI_over_uI_gt 
_reflns_shell.number_measured_gt 
_reflns_shell.number_unique_gt 
_reflns_shell.percent_possible_gt 
_reflns_shell.Rmerge_F_gt 
_reflns_shell.Rmerge_I_gt 
_reflns_shell.pdbx_redundancy 
_reflns_shell.pdbx_chi_squared 
_reflns_shell.pdbx_netI_over_sigmaI_all 
_reflns_shell.pdbx_netI_over_sigmaI_obs 
_reflns_shell.pdbx_Rrim_I_all 
_reflns_shell.pdbx_Rpim_I_all 
_reflns_shell.pdbx_rejects 
_reflns_shell.pdbx_ordinal 
_reflns_shell.pdbx_diffrn_id 
_reflns_shell.pdbx_CC_half 
_reflns_shell.pdbx_CC_star 
_reflns_shell.pdbx_R_split 
_reflns_shell.percent_possible_all 
_reflns_shell.Rmerge_I_all 
_reflns_shell.Rmerge_I_obs 
_reflns_shell.pdbx_Rsym_value 
_reflns_shell.pdbx_percent_possible_ellipsoidal 
_reflns_shell.pdbx_percent_possible_spherical 
_reflns_shell.pdbx_percent_possible_ellipsoidal_anomalous 
_reflns_shell.pdbx_percent_possible_spherical_anomalous 
_reflns_shell.pdbx_redundancy_anomalous 
_reflns_shell.pdbx_CC_half_anomalous 
_reflns_shell.pdbx_absDiff_over_sigma_anomalous 
_reflns_shell.pdbx_percent_possible_anomalous 
2.31 2.45  ? ? ? ? ? ? 751 ? ? ? ? ? ? ? ? ? ? ? ? ? ? ? 0.836 ? ? 1 1 0.634 ? ? ? ? 0.611 ? ? ? ? ? ? ? ? ? 
2.45 2.62  ? ? ? ? ? ? 699 ? ? ? ? ? ? ? ? ? ? ? ? ? ? ? 0.384 ? ? 2 1 0.933 ? ? ? ? 0.283 ? ? ? ? ? ? ? ? ? 
2.62 2.82  ? ? ? ? ? ? 658 ? ? ? ? ? ? ? ? ? ? ? ? ? ? ? 0.159 ? ? 3 1 0.984 ? ? ? ? 0.12  ? ? ? ? ? ? ? ? ? 
2.82 3.09  ? ? ? ? ? ? 607 ? ? ? ? ? ? ? ? ? ? ? ? ? ? ? 0.052 ? ? 4 1 0.998 ? ? ? ? 0.04  ? ? ? ? ? ? ? ? ? 
3.09 3.46  ? ? ? ? ? ? 556 ? ? ? ? ? ? ? ? ? ? ? ? ? ? ? 0.038 ? ? 5 1 0.998 ? ? ? ? 0.029 ? ? ? ? ? ? ? ? ? 
3.46 3.98  ? ? ? ? ? ? 469 ? ? ? ? ? ? ? ? ? ? ? ? ? ? ? 0.04  ? ? 6 1 0.997 ? ? ? ? 0.031 ? ? ? ? ? ? ? ? ? 
3.98 4.87  ? ? ? ? ? ? 374 ? ? ? ? ? ? ? ? ? ? ? ? ? ? ? 0.036 ? ? 7 1 0.998 ? ? ? ? 0.028 ? ? ? ? ? ? ? ? ? 
4.87 6.83  ? ? ? ? ? ? 296 ? ? ? ? ? ? ? ? ? ? ? ? ? ? ? 0.045 ? ? 8 1 0.993 ? ? ? ? 0.034 ? ? ? ? ? ? ? ? ? 
6.83 27.96 ? ? ? ? ? ? 147 ? ? ? ? ? ? ? ? ? ? ? ? ? ? ? 0.034 ? ? 9 1 0.997 ? ? ? ? 0.024 ? ? ? ? ? ? ? ? ? 
# 
_refine.aniso_B[1][1]                            ? 
_refine.aniso_B[1][2]                            ? 
_refine.aniso_B[1][3]                            ? 
_refine.aniso_B[2][2]                            ? 
_refine.aniso_B[2][3]                            ? 
_refine.aniso_B[3][3]                            ? 
_refine.B_iso_max                                ? 
_refine.B_iso_mean                               ? 
_refine.B_iso_min                                ? 
_refine.correlation_coeff_Fo_to_Fc               ? 
_refine.correlation_coeff_Fo_to_Fc_free          ? 
_refine.details                                  ? 
_refine.diff_density_max                         ? 
_refine.diff_density_max_esd                     ? 
_refine.diff_density_min                         ? 
_refine.diff_density_min_esd                     ? 
_refine.diff_density_rms                         ? 
_refine.diff_density_rms_esd                     ? 
_refine.entry_id                                 9KCC 
_refine.pdbx_refine_id                           'X-RAY DIFFRACTION' 
_refine.ls_abs_structure_details                 ? 
_refine.ls_abs_structure_Flack                   ? 
_refine.ls_abs_structure_Flack_esd               ? 
_refine.ls_abs_structure_Rogers                  ? 
_refine.ls_abs_structure_Rogers_esd              ? 
_refine.ls_d_res_high                            2.31 
_refine.ls_d_res_low                             27.10 
_refine.ls_extinction_coef                       ? 
_refine.ls_extinction_coef_esd                   ? 
_refine.ls_extinction_expression                 ? 
_refine.ls_extinction_method                     ? 
_refine.ls_goodness_of_fit_all                   ? 
_refine.ls_goodness_of_fit_all_esd               ? 
_refine.ls_goodness_of_fit_obs                   ? 
_refine.ls_goodness_of_fit_obs_esd               ? 
_refine.ls_hydrogen_treatment                    ? 
_refine.ls_matrix_type                           ? 
_refine.ls_number_constraints                    ? 
_refine.ls_number_parameters                     ? 
_refine.ls_number_reflns_all                     ? 
_refine.ls_number_reflns_obs                     4875 
_refine.ls_number_reflns_R_free                  242 
_refine.ls_number_reflns_R_work                  ? 
_refine.ls_number_restraints                     ? 
_refine.ls_percent_reflns_obs                    98.74 
_refine.ls_percent_reflns_R_free                 4.96 
_refine.ls_R_factor_all                          ? 
_refine.ls_R_factor_obs                          0.1914 
_refine.ls_R_factor_R_free                       0.2085 
_refine.ls_R_factor_R_free_error                 ? 
_refine.ls_R_factor_R_free_error_details         ? 
_refine.ls_R_factor_R_work                       0.1904 
_refine.ls_R_Fsqd_factor_obs                     ? 
_refine.ls_R_I_factor_obs                        ? 
_refine.ls_redundancy_reflns_all                 ? 
_refine.ls_redundancy_reflns_obs                 ? 
_refine.ls_restrained_S_all                      ? 
_refine.ls_restrained_S_obs                      ? 
_refine.ls_shift_over_esd_max                    ? 
_refine.ls_shift_over_esd_mean                   ? 
_refine.ls_structure_factor_coef                 ? 
_refine.ls_weighting_details                     ? 
_refine.ls_weighting_scheme                      ? 
_refine.ls_wR_factor_all                         ? 
_refine.ls_wR_factor_obs                         ? 
_refine.ls_wR_factor_R_free                      ? 
_refine.ls_wR_factor_R_work                      ? 
_refine.occupancy_max                            ? 
_refine.occupancy_min                            ? 
_refine.solvent_model_details                    'FLAT BULK SOLVENT MODEL' 
_refine.solvent_model_param_bsol                 ? 
_refine.solvent_model_param_ksol                 ? 
_refine.pdbx_R_complete                          ? 
_refine.ls_R_factor_gt                           ? 
_refine.ls_goodness_of_fit_gt                    ? 
_refine.ls_goodness_of_fit_ref                   ? 
_refine.ls_shift_over_su_max                     ? 
_refine.ls_shift_over_su_max_lt                  ? 
_refine.ls_shift_over_su_mean                    ? 
_refine.ls_shift_over_su_mean_lt                 ? 
_refine.pdbx_ls_sigma_I                          ? 
_refine.pdbx_ls_sigma_F                          1.37 
_refine.pdbx_ls_sigma_Fsqd                       ? 
_refine.pdbx_data_cutoff_high_absF               ? 
_refine.pdbx_data_cutoff_high_rms_absF           ? 
_refine.pdbx_data_cutoff_low_absF                ? 
_refine.pdbx_isotropic_thermal_model             ? 
_refine.pdbx_ls_cross_valid_method               'FREE R-VALUE' 
_refine.pdbx_method_to_determine_struct          'MOLECULAR REPLACEMENT' 
_refine.pdbx_starting_model                      Modeller 
_refine.pdbx_stereochemistry_target_values       ML 
_refine.pdbx_R_Free_selection_details            ? 
_refine.pdbx_stereochem_target_val_spec_case     ? 
_refine.pdbx_overall_ESU_R                       ? 
_refine.pdbx_overall_ESU_R_Free                  ? 
_refine.pdbx_solvent_vdw_probe_radii             1.10 
_refine.pdbx_solvent_ion_probe_radii             ? 
_refine.pdbx_solvent_shrinkage_radii             0.90 
_refine.pdbx_real_space_R                        ? 
_refine.pdbx_density_correlation                 ? 
_refine.pdbx_pd_number_of_powder_patterns        ? 
_refine.pdbx_pd_number_of_points                 ? 
_refine.pdbx_pd_meas_number_of_points            ? 
_refine.pdbx_pd_proc_ls_prof_R_factor            ? 
_refine.pdbx_pd_proc_ls_prof_wR_factor           ? 
_refine.pdbx_pd_Marquardt_correlation_coeff      ? 
_refine.pdbx_pd_Fsqrd_R_factor                   ? 
_refine.pdbx_pd_ls_matrix_band_width             ? 
_refine.pdbx_overall_phase_error                 30.77 
_refine.pdbx_overall_SU_R_free_Cruickshank_DPI   ? 
_refine.pdbx_overall_SU_R_free_Blow_DPI          ? 
_refine.pdbx_overall_SU_R_Blow_DPI               ? 
_refine.pdbx_TLS_residual_ADP_flag               ? 
_refine.pdbx_diffrn_id                           1 
_refine.overall_SU_B                             ? 
_refine.overall_SU_ML                            0.16 
_refine.overall_SU_R_Cruickshank_DPI             ? 
_refine.overall_SU_R_free                        ? 
_refine.overall_FOM_free_R_set                   ? 
_refine.overall_FOM_work_R_set                   ? 
_refine.pdbx_average_fsc_overall                 ? 
_refine.pdbx_average_fsc_work                    ? 
_refine.pdbx_average_fsc_free                    ? 
# 
_refine_hist.pdbx_refine_id                   'X-RAY DIFFRACTION' 
_refine_hist.cycle_id                         LAST 
_refine_hist.pdbx_number_atoms_protein        0 
_refine_hist.pdbx_number_atoms_nucleic_acid   241 
_refine_hist.pdbx_number_atoms_ligand         1 
_refine_hist.number_atoms_solvent             0 
_refine_hist.number_atoms_total               242 
_refine_hist.d_res_high                       2.31 
_refine_hist.d_res_low                        27.10 
# 
loop_
_refine_ls_restr.pdbx_refine_id 
_refine_ls_restr.criterion 
_refine_ls_restr.dev_ideal 
_refine_ls_restr.dev_ideal_target 
_refine_ls_restr.number 
_refine_ls_restr.rejects 
_refine_ls_restr.type 
_refine_ls_restr.weight 
_refine_ls_restr.pdbx_restraint_function 
'X-RAY DIFFRACTION' ? 0.009  ? ?   ? f_bond_d           ? ? 
'X-RAY DIFFRACTION' ? 1.115  ? ?   ? f_angle_d          ? ? 
'X-RAY DIFFRACTION' ? 11.312 ? 110 ? f_dihedral_angle_d ? ? 
'X-RAY DIFFRACTION' ? 0.048  ? 46  ? f_chiral_restr     ? ? 
'X-RAY DIFFRACTION' ? 0.006  ? 12  ? f_plane_restr      ? ? 
# 
loop_
_refine_ls_shell.pdbx_refine_id 
_refine_ls_shell.d_res_high 
_refine_ls_shell.d_res_low 
_refine_ls_shell.number_reflns_all 
_refine_ls_shell.number_reflns_obs 
_refine_ls_shell.number_reflns_R_free 
_refine_ls_shell.number_reflns_R_work 
_refine_ls_shell.percent_reflns_obs 
_refine_ls_shell.percent_reflns_R_free 
_refine_ls_shell.R_factor_all 
_refine_ls_shell.R_factor_obs 
_refine_ls_shell.R_factor_R_free_error 
_refine_ls_shell.R_factor_R_work 
_refine_ls_shell.redundancy_reflns_all 
_refine_ls_shell.redundancy_reflns_obs 
_refine_ls_shell.wR_factor_all 
_refine_ls_shell.wR_factor_obs 
_refine_ls_shell.wR_factor_R_free 
_refine_ls_shell.wR_factor_R_work 
_refine_ls_shell.pdbx_R_complete 
_refine_ls_shell.pdbx_total_number_of_bins_used 
_refine_ls_shell.pdbx_phase_error 
_refine_ls_shell.pdbx_fsc_work 
_refine_ls_shell.pdbx_fsc_free 
_refine_ls_shell.R_factor_R_free 
'X-RAY DIFFRACTION' 2.31 2.91  . . 117 2319 99.00 . . . . 0.3994 . . . . . . . . . . . 0.4420 
'X-RAY DIFFRACTION' 2.91 27.10 . . 125 2314 99.00 . . . . 0.1692 . . . . . . . . . . . 0.1888 
# 
_struct.entry_id                     9KCC 
_struct.title                        'DNA duplex containing copper-mediated 5-fluorouracil-cytosine base pairs' 
_struct.pdbx_model_details           ? 
_struct.pdbx_formula_weight          ? 
_struct.pdbx_formula_weight_method   ? 
_struct.pdbx_model_type_details      ? 
_struct.pdbx_CASP_flag               N 
# 
_struct_keywords.entry_id        9KCC 
_struct_keywords.text            'metal-mediated base pair, copper, 5-fluorouracil, DNA' 
_struct_keywords.pdbx_keywords   DNA 
# 
loop_
_struct_asym.id 
_struct_asym.pdbx_blank_PDB_chainid_flag 
_struct_asym.pdbx_modified 
_struct_asym.entity_id 
_struct_asym.details 
A N N 1 ? 
B N N 2 ? 
# 
_struct_ref.id                         1 
_struct_ref.db_name                    PDB 
_struct_ref.db_code                    9KCC 
_struct_ref.pdbx_db_accession          9KCC 
_struct_ref.pdbx_db_isoform            ? 
_struct_ref.entity_id                  1 
_struct_ref.pdbx_seq_one_letter_code   ? 
_struct_ref.pdbx_align_begin           1 
# 
_struct_ref_seq.align_id                      1 
_struct_ref_seq.ref_id                        1 
_struct_ref_seq.pdbx_PDB_id_code              9KCC 
_struct_ref_seq.pdbx_strand_id                A 
_struct_ref_seq.seq_align_beg                 1 
_struct_ref_seq.pdbx_seq_align_beg_ins_code   ? 
_struct_ref_seq.seq_align_end                 12 
_struct_ref_seq.pdbx_seq_align_end_ins_code   ? 
_struct_ref_seq.pdbx_db_accession             9KCC 
_struct_ref_seq.db_align_beg                  1 
_struct_ref_seq.pdbx_db_align_beg_ins_code    ? 
_struct_ref_seq.db_align_end                  12 
_struct_ref_seq.pdbx_db_align_end_ins_code    ? 
_struct_ref_seq.pdbx_auth_seq_align_beg       1 
_struct_ref_seq.pdbx_auth_seq_align_end       12 
# 
_pdbx_struct_assembly.id                   1 
_pdbx_struct_assembly.details              author_and_software_defined_assembly 
_pdbx_struct_assembly.method_details       PISA 
_pdbx_struct_assembly.oligomeric_details   dimeric 
_pdbx_struct_assembly.oligomeric_count     2 
# 
loop_
_pdbx_struct_assembly_prop.biol_id 
_pdbx_struct_assembly_prop.type 
_pdbx_struct_assembly_prop.value 
_pdbx_struct_assembly_prop.details 
1 'ABSA (A^2)' 2690 ? 
1 MORE         -22  ? 
1 'SSA (A^2)'  3990 ? 
# 
_pdbx_struct_assembly_gen.assembly_id       1 
_pdbx_struct_assembly_gen.oper_expression   1,2 
_pdbx_struct_assembly_gen.asym_id_list      A,B 
# 
_pdbx_struct_assembly_auth_evidence.id                     1 
_pdbx_struct_assembly_auth_evidence.assembly_id            1 
_pdbx_struct_assembly_auth_evidence.experimental_support   none 
_pdbx_struct_assembly_auth_evidence.details                ? 
# 
loop_
_pdbx_struct_oper_list.id 
_pdbx_struct_oper_list.type 
_pdbx_struct_oper_list.name 
_pdbx_struct_oper_list.symmetry_operation 
_pdbx_struct_oper_list.matrix[1][1] 
_pdbx_struct_oper_list.matrix[1][2] 
_pdbx_struct_oper_list.matrix[1][3] 
_pdbx_struct_oper_list.vector[1] 
_pdbx_struct_oper_list.matrix[2][1] 
_pdbx_struct_oper_list.matrix[2][2] 
_pdbx_struct_oper_list.matrix[2][3] 
_pdbx_struct_oper_list.vector[2] 
_pdbx_struct_oper_list.matrix[3][1] 
_pdbx_struct_oper_list.matrix[3][2] 
_pdbx_struct_oper_list.matrix[3][3] 
_pdbx_struct_oper_list.vector[3] 
1 'identity operation'         1_555 x,y,z            1.0000000000  0.0000000000  0.0000000000 0.0000000000 0.0000000000  1.0000000000  0.0000000000  0.0000000000  0.0000000000 0.0000000000  1.0000000000 0.0000000000  
2 'crystal symmetry operation' 8_665 -y+1,-x+1,-z+1/2 -0.2202319879 -0.1328597070 0.9663571647 1.9765581168 -0.1328597070 -0.9773628804 -0.1646514448 -2.7546291601 0.9663571647 -0.1646514448 0.1975948683 -1.9736346832 
# 
loop_
_struct_conn.id 
_struct_conn.conn_type_id 
_struct_conn.pdbx_leaving_atom_flag 
_struct_conn.pdbx_PDB_id 
_struct_conn.ptnr1_label_asym_id 
_struct_conn.ptnr1_label_comp_id 
_struct_conn.ptnr1_label_seq_id 
_struct_conn.ptnr1_label_atom_id 
_struct_conn.pdbx_ptnr1_label_alt_id 
_struct_conn.pdbx_ptnr1_PDB_ins_code 
_struct_conn.pdbx_ptnr1_standard_comp_id 
_struct_conn.ptnr1_symmetry 
_struct_conn.ptnr2_label_asym_id 
_struct_conn.ptnr2_label_comp_id 
_struct_conn.ptnr2_label_seq_id 
_struct_conn.ptnr2_label_atom_id 
_struct_conn.pdbx_ptnr2_label_alt_id 
_struct_conn.pdbx_ptnr2_PDB_ins_code 
_struct_conn.ptnr1_auth_asym_id 
_struct_conn.ptnr1_auth_comp_id 
_struct_conn.ptnr1_auth_seq_id 
_struct_conn.ptnr2_auth_asym_id 
_struct_conn.ptnr2_auth_comp_id 
_struct_conn.ptnr2_auth_seq_id 
_struct_conn.ptnr2_symmetry 
_struct_conn.pdbx_ptnr3_label_atom_id 
_struct_conn.pdbx_ptnr3_label_seq_id 
_struct_conn.pdbx_ptnr3_label_comp_id 
_struct_conn.pdbx_ptnr3_label_asym_id 
_struct_conn.pdbx_ptnr3_label_alt_id 
_struct_conn.pdbx_ptnr3_PDB_ins_code 
_struct_conn.details 
_struct_conn.pdbx_dist_value 
_struct_conn.pdbx_value_order 
_struct_conn.pdbx_role 
covale1  covale both ? A DC  6  "O3'" ? ? ? 1_555 A UFP 7  P  ? ? A DC  6  A UFP 7   1_555 ? ? ? ? ? ? ?            1.600 ? ? 
covale2  covale one  ? A UFP 7  "O3'" ? ? ? 1_555 A DG  8  P  ? ? A UFP 7  A DG  8   1_555 ? ? ? ? ? ? ?            1.611 ? ? 
metalc1  metalc ?    ? A DC  6  N3    ? ? ? 1_555 B CU  .  CU ? ? A DC  6  A CU  101 1_555 ? ? ? ? ? ? ?            1.987 ? ? 
metalc2  metalc ?    ? A UFP 7  N3    ? ? ? 1_555 B CU  .  CU ? ? A UFP 7  A CU  101 8_665 ? ? ? ? ? ? ?            1.792 ? ? 
hydrog1  hydrog ?    ? A DG  1  N1    ? ? ? 1_555 A DC  12 N3 ? ? A DG  1  A DC  12  8_665 ? ? ? ? ? ? WATSON-CRICK ?     ? ? 
hydrog2  hydrog ?    ? A DG  1  N2    ? ? ? 1_555 A DC  12 O2 ? ? A DG  1  A DC  12  8_665 ? ? ? ? ? ? WATSON-CRICK ?     ? ? 
hydrog3  hydrog ?    ? A DG  1  O6    ? ? ? 1_555 A DC  12 N4 ? ? A DG  1  A DC  12  8_665 ? ? ? ? ? ? WATSON-CRICK ?     ? ? 
hydrog4  hydrog ?    ? A DG  2  N1    ? ? ? 1_555 A DC  11 N3 ? ? A DG  2  A DC  11  8_665 ? ? ? ? ? ? WATSON-CRICK ?     ? ? 
hydrog5  hydrog ?    ? A DG  2  N2    ? ? ? 1_555 A DC  11 O2 ? ? A DG  2  A DC  11  8_665 ? ? ? ? ? ? WATSON-CRICK ?     ? ? 
hydrog6  hydrog ?    ? A DG  2  O6    ? ? ? 1_555 A DC  11 N4 ? ? A DG  2  A DC  11  8_665 ? ? ? ? ? ? WATSON-CRICK ?     ? ? 
hydrog7  hydrog ?    ? A DA  3  N1    ? ? ? 1_555 A DT  10 N3 ? ? A DA  3  A DT  10  8_665 ? ? ? ? ? ? WATSON-CRICK ?     ? ? 
hydrog8  hydrog ?    ? A DA  3  N6    ? ? ? 1_555 A DT  10 O4 ? ? A DA  3  A DT  10  8_665 ? ? ? ? ? ? WATSON-CRICK ?     ? ? 
hydrog9  hydrog ?    ? A DC  4  N3    ? ? ? 1_555 A DG  9  N1 ? ? A DC  4  A DG  9   8_665 ? ? ? ? ? ? WATSON-CRICK ?     ? ? 
hydrog10 hydrog ?    ? A DC  4  N4    ? ? ? 1_555 A DG  9  O6 ? ? A DC  4  A DG  9   8_665 ? ? ? ? ? ? WATSON-CRICK ?     ? ? 
hydrog11 hydrog ?    ? A DC  4  O2    ? ? ? 1_555 A DG  9  N2 ? ? A DC  4  A DG  9   8_665 ? ? ? ? ? ? WATSON-CRICK ?     ? ? 
hydrog12 hydrog ?    ? A DC  5  N3    ? ? ? 1_555 A DG  8  N1 ? ? A DC  5  A DG  8   8_665 ? ? ? ? ? ? WATSON-CRICK ?     ? ? 
hydrog13 hydrog ?    ? A DC  5  N4    ? ? ? 1_555 A DG  8  O6 ? ? A DC  5  A DG  8   8_665 ? ? ? ? ? ? WATSON-CRICK ?     ? ? 
hydrog14 hydrog ?    ? A DC  5  O2    ? ? ? 1_555 A DG  8  N2 ? ? A DC  5  A DG  8   8_665 ? ? ? ? ? ? WATSON-CRICK ?     ? ? 
hydrog15 hydrog ?    ? A DG  8  N1    ? ? ? 1_555 A DC  5  N3 ? ? A DG  8  A DC  5   8_665 ? ? ? ? ? ? WATSON-CRICK ?     ? ? 
hydrog16 hydrog ?    ? A DG  8  N2    ? ? ? 1_555 A DC  5  O2 ? ? A DG  8  A DC  5   8_665 ? ? ? ? ? ? WATSON-CRICK ?     ? ? 
hydrog17 hydrog ?    ? A DG  8  O6    ? ? ? 1_555 A DC  5  N4 ? ? A DG  8  A DC  5   8_665 ? ? ? ? ? ? WATSON-CRICK ?     ? ? 
hydrog18 hydrog ?    ? A DG  9  N1    ? ? ? 1_555 A DC  4  N3 ? ? A DG  9  A DC  4   8_665 ? ? ? ? ? ? WATSON-CRICK ?     ? ? 
hydrog19 hydrog ?    ? A DG  9  N2    ? ? ? 1_555 A DC  4  O2 ? ? A DG  9  A DC  4   8_665 ? ? ? ? ? ? WATSON-CRICK ?     ? ? 
hydrog20 hydrog ?    ? A DG  9  O6    ? ? ? 1_555 A DC  4  N4 ? ? A DG  9  A DC  4   8_665 ? ? ? ? ? ? WATSON-CRICK ?     ? ? 
hydrog21 hydrog ?    ? A DT  10 N3    ? ? ? 1_555 A DA  3  N1 ? ? A DT  10 A DA  3   8_665 ? ? ? ? ? ? WATSON-CRICK ?     ? ? 
hydrog22 hydrog ?    ? A DT  10 O4    ? ? ? 1_555 A DA  3  N6 ? ? A DT  10 A DA  3   8_665 ? ? ? ? ? ? WATSON-CRICK ?     ? ? 
hydrog23 hydrog ?    ? A DC  11 N3    ? ? ? 1_555 A DG  2  N1 ? ? A DC  11 A DG  2   8_665 ? ? ? ? ? ? WATSON-CRICK ?     ? ? 
hydrog24 hydrog ?    ? A DC  11 N4    ? ? ? 1_555 A DG  2  O6 ? ? A DC  11 A DG  2   8_665 ? ? ? ? ? ? WATSON-CRICK ?     ? ? 
hydrog25 hydrog ?    ? A DC  11 O2    ? ? ? 1_555 A DG  2  N2 ? ? A DC  11 A DG  2   8_665 ? ? ? ? ? ? WATSON-CRICK ?     ? ? 
hydrog26 hydrog ?    ? A DC  12 N3    ? ? ? 1_555 A DG  1  N1 ? ? A DC  12 A DG  1   8_665 ? ? ? ? ? ? WATSON-CRICK ?     ? ? 
hydrog27 hydrog ?    ? A DC  12 N4    ? ? ? 1_555 A DG  1  O6 ? ? A DC  12 A DG  1   8_665 ? ? ? ? ? ? WATSON-CRICK ?     ? ? 
hydrog28 hydrog ?    ? A DC  12 O2    ? ? ? 1_555 A DG  1  N2 ? ? A DC  12 A DG  1   8_665 ? ? ? ? ? ? WATSON-CRICK ?     ? ? 
# 
loop_
_struct_conn_type.id 
_struct_conn_type.criteria 
_struct_conn_type.reference 
covale ? ? 
metalc ? ? 
hydrog ? ? 
# 
_pdbx_struct_conn_angle.id                    1 
_pdbx_struct_conn_angle.ptnr1_label_atom_id   N3 
_pdbx_struct_conn_angle.ptnr1_label_alt_id    ? 
_pdbx_struct_conn_angle.ptnr1_label_asym_id   A 
_pdbx_struct_conn_angle.ptnr1_label_comp_id   DC 
_pdbx_struct_conn_angle.ptnr1_label_seq_id    6 
_pdbx_struct_conn_angle.ptnr1_auth_atom_id    ? 
_pdbx_struct_conn_angle.ptnr1_auth_asym_id    A 
_pdbx_struct_conn_angle.ptnr1_auth_comp_id    DC 
_pdbx_struct_conn_angle.ptnr1_auth_seq_id     6 
_pdbx_struct_conn_angle.ptnr1_PDB_ins_code    ? 
_pdbx_struct_conn_angle.ptnr1_symmetry        1_555 
_pdbx_struct_conn_angle.ptnr2_label_atom_id   CU 
_pdbx_struct_conn_angle.ptnr2_label_alt_id    ? 
_pdbx_struct_conn_angle.ptnr2_label_asym_id   B 
_pdbx_struct_conn_angle.ptnr2_label_comp_id   CU 
_pdbx_struct_conn_angle.ptnr2_label_seq_id    . 
_pdbx_struct_conn_angle.ptnr2_auth_atom_id    ? 
_pdbx_struct_conn_angle.ptnr2_auth_asym_id    A 
_pdbx_struct_conn_angle.ptnr2_auth_comp_id    CU 
_pdbx_struct_conn_angle.ptnr2_auth_seq_id     101 
_pdbx_struct_conn_angle.ptnr2_PDB_ins_code    ? 
_pdbx_struct_conn_angle.ptnr2_symmetry        1_555 
_pdbx_struct_conn_angle.ptnr3_label_atom_id   N3 
_pdbx_struct_conn_angle.ptnr3_label_alt_id    ? 
_pdbx_struct_conn_angle.ptnr3_label_asym_id   A 
_pdbx_struct_conn_angle.ptnr3_label_comp_id   UFP 
_pdbx_struct_conn_angle.ptnr3_label_seq_id    7 
_pdbx_struct_conn_angle.ptnr3_auth_atom_id    ? 
_pdbx_struct_conn_angle.ptnr3_auth_asym_id    A 
_pdbx_struct_conn_angle.ptnr3_auth_comp_id    UFP 
_pdbx_struct_conn_angle.ptnr3_auth_seq_id     7 
_pdbx_struct_conn_angle.ptnr3_PDB_ins_code    ? 
_pdbx_struct_conn_angle.ptnr3_symmetry        1_555 
_pdbx_struct_conn_angle.value                 84.2 
_pdbx_struct_conn_angle.value_esd             ? 
# 
_pdbx_entry_details.entry_id                   9KCC 
_pdbx_entry_details.nonpolymer_details         ? 
_pdbx_entry_details.sequence_details           ? 
_pdbx_entry_details.compound_details           ? 
_pdbx_entry_details.source_details             ? 
_pdbx_entry_details.has_ligand_of_interest     Y 
_pdbx_entry_details.has_protein_modification   N 
# 
loop_
_chem_comp_atom.comp_id 
_chem_comp_atom.atom_id 
_chem_comp_atom.type_symbol 
_chem_comp_atom.pdbx_aromatic_flag 
_chem_comp_atom.pdbx_stereo_config 
_chem_comp_atom.pdbx_ordinal 
CU  CU     CU N N 1   
DA  OP3    O  N N 2   
DA  P      P  N N 3   
DA  OP1    O  N N 4   
DA  OP2    O  N N 5   
DA  "O5'"  O  N N 6   
DA  "C5'"  C  N N 7   
DA  "C4'"  C  N R 8   
DA  "O4'"  O  N N 9   
DA  "C3'"  C  N S 10  
DA  "O3'"  O  N N 11  
DA  "C2'"  C  N N 12  
DA  "C1'"  C  N R 13  
DA  N9     N  Y N 14  
DA  C8     C  Y N 15  
DA  N7     N  Y N 16  
DA  C5     C  Y N 17  
DA  C6     C  Y N 18  
DA  N6     N  N N 19  
DA  N1     N  Y N 20  
DA  C2     C  Y N 21  
DA  N3     N  Y N 22  
DA  C4     C  Y N 23  
DA  HOP3   H  N N 24  
DA  HOP2   H  N N 25  
DA  "H5'"  H  N N 26  
DA  "H5''" H  N N 27  
DA  "H4'"  H  N N 28  
DA  "H3'"  H  N N 29  
DA  "HO3'" H  N N 30  
DA  "H2'"  H  N N 31  
DA  "H2''" H  N N 32  
DA  "H1'"  H  N N 33  
DA  H8     H  N N 34  
DA  H61    H  N N 35  
DA  H62    H  N N 36  
DA  H2     H  N N 37  
DC  OP3    O  N N 38  
DC  P      P  N N 39  
DC  OP1    O  N N 40  
DC  OP2    O  N N 41  
DC  "O5'"  O  N N 42  
DC  "C5'"  C  N N 43  
DC  "C4'"  C  N R 44  
DC  "O4'"  O  N N 45  
DC  "C3'"  C  N S 46  
DC  "O3'"  O  N N 47  
DC  "C2'"  C  N N 48  
DC  "C1'"  C  N R 49  
DC  N1     N  N N 50  
DC  C2     C  N N 51  
DC  O2     O  N N 52  
DC  N3     N  N N 53  
DC  C4     C  N N 54  
DC  N4     N  N N 55  
DC  C5     C  N N 56  
DC  C6     C  N N 57  
DC  HOP3   H  N N 58  
DC  HOP2   H  N N 59  
DC  "H5'"  H  N N 60  
DC  "H5''" H  N N 61  
DC  "H4'"  H  N N 62  
DC  "H3'"  H  N N 63  
DC  "HO3'" H  N N 64  
DC  "H2'"  H  N N 65  
DC  "H2''" H  N N 66  
DC  "H1'"  H  N N 67  
DC  H41    H  N N 68  
DC  H42    H  N N 69  
DC  H5     H  N N 70  
DC  H6     H  N N 71  
DG  OP3    O  N N 72  
DG  P      P  N N 73  
DG  OP1    O  N N 74  
DG  OP2    O  N N 75  
DG  "O5'"  O  N N 76  
DG  "C5'"  C  N N 77  
DG  "C4'"  C  N R 78  
DG  "O4'"  O  N N 79  
DG  "C3'"  C  N S 80  
DG  "O3'"  O  N N 81  
DG  "C2'"  C  N N 82  
DG  "C1'"  C  N R 83  
DG  N9     N  Y N 84  
DG  C8     C  Y N 85  
DG  N7     N  Y N 86  
DG  C5     C  Y N 87  
DG  C6     C  N N 88  
DG  O6     O  N N 89  
DG  N1     N  N N 90  
DG  C2     C  N N 91  
DG  N2     N  N N 92  
DG  N3     N  N N 93  
DG  C4     C  Y N 94  
DG  HOP3   H  N N 95  
DG  HOP2   H  N N 96  
DG  "H5'"  H  N N 97  
DG  "H5''" H  N N 98  
DG  "H4'"  H  N N 99  
DG  "H3'"  H  N N 100 
DG  "HO3'" H  N N 101 
DG  "H2'"  H  N N 102 
DG  "H2''" H  N N 103 
DG  "H1'"  H  N N 104 
DG  H8     H  N N 105 
DG  H1     H  N N 106 
DG  H21    H  N N 107 
DG  H22    H  N N 108 
DT  OP3    O  N N 109 
DT  P      P  N N 110 
DT  OP1    O  N N 111 
DT  OP2    O  N N 112 
DT  "O5'"  O  N N 113 
DT  "C5'"  C  N N 114 
DT  "C4'"  C  N R 115 
DT  "O4'"  O  N N 116 
DT  "C3'"  C  N S 117 
DT  "O3'"  O  N N 118 
DT  "C2'"  C  N N 119 
DT  "C1'"  C  N R 120 
DT  N1     N  N N 121 
DT  C2     C  N N 122 
DT  O2     O  N N 123 
DT  N3     N  N N 124 
DT  C4     C  N N 125 
DT  O4     O  N N 126 
DT  C5     C  N N 127 
DT  C7     C  N N 128 
DT  C6     C  N N 129 
DT  HOP3   H  N N 130 
DT  HOP2   H  N N 131 
DT  "H5'"  H  N N 132 
DT  "H5''" H  N N 133 
DT  "H4'"  H  N N 134 
DT  "H3'"  H  N N 135 
DT  "HO3'" H  N N 136 
DT  "H2'"  H  N N 137 
DT  "H2''" H  N N 138 
DT  "H1'"  H  N N 139 
DT  H3     H  N N 140 
DT  H71    H  N N 141 
DT  H72    H  N N 142 
DT  H73    H  N N 143 
DT  H6     H  N N 144 
UFP N1     N  N N 145 
UFP C2     C  N N 146 
UFP N3     N  N N 147 
UFP C4     C  N N 148 
UFP C5     C  N N 149 
UFP C6     C  N N 150 
UFP O2     O  N N 151 
UFP O4     O  N N 152 
UFP F5     F  N N 153 
UFP "C1'"  C  N R 154 
UFP "C2'"  C  N N 155 
UFP "C3'"  C  N S 156 
UFP "C4'"  C  N R 157 
UFP "O3'"  O  N N 158 
UFP "O4'"  O  N N 159 
UFP "C5'"  C  N N 160 
UFP "O5'"  O  N N 161 
UFP P      P  N N 162 
UFP O1P    O  N N 163 
UFP O2P    O  N N 164 
UFP O3P    O  N N 165 
UFP HN3    H  N N 166 
UFP H6     H  N N 167 
UFP "H1'"  H  N N 168 
UFP "H2'1" H  N N 169 
UFP "H2'2" H  N N 170 
UFP "H3'"  H  N N 171 
UFP "H4'"  H  N N 172 
UFP "HO3'" H  N N 173 
UFP "H5'1" H  N N 174 
UFP "H5'2" H  N N 175 
UFP HOP2   H  N N 176 
UFP HOP3   H  N N 177 
# 
loop_
_chem_comp_bond.comp_id 
_chem_comp_bond.atom_id_1 
_chem_comp_bond.atom_id_2 
_chem_comp_bond.value_order 
_chem_comp_bond.pdbx_aromatic_flag 
_chem_comp_bond.pdbx_stereo_config 
_chem_comp_bond.pdbx_ordinal 
DA  OP3   P      sing N N 1   
DA  OP3   HOP3   sing N N 2   
DA  P     OP1    doub N N 3   
DA  P     OP2    sing N N 4   
DA  P     "O5'"  sing N N 5   
DA  OP2   HOP2   sing N N 6   
DA  "O5'" "C5'"  sing N N 7   
DA  "C5'" "C4'"  sing N N 8   
DA  "C5'" "H5'"  sing N N 9   
DA  "C5'" "H5''" sing N N 10  
DA  "C4'" "O4'"  sing N N 11  
DA  "C4'" "C3'"  sing N N 12  
DA  "C4'" "H4'"  sing N N 13  
DA  "O4'" "C1'"  sing N N 14  
DA  "C3'" "O3'"  sing N N 15  
DA  "C3'" "C2'"  sing N N 16  
DA  "C3'" "H3'"  sing N N 17  
DA  "O3'" "HO3'" sing N N 18  
DA  "C2'" "C1'"  sing N N 19  
DA  "C2'" "H2'"  sing N N 20  
DA  "C2'" "H2''" sing N N 21  
DA  "C1'" N9     sing N N 22  
DA  "C1'" "H1'"  sing N N 23  
DA  N9    C8     sing Y N 24  
DA  N9    C4     sing Y N 25  
DA  C8    N7     doub Y N 26  
DA  C8    H8     sing N N 27  
DA  N7    C5     sing Y N 28  
DA  C5    C6     sing Y N 29  
DA  C5    C4     doub Y N 30  
DA  C6    N6     sing N N 31  
DA  C6    N1     doub Y N 32  
DA  N6    H61    sing N N 33  
DA  N6    H62    sing N N 34  
DA  N1    C2     sing Y N 35  
DA  C2    N3     doub Y N 36  
DA  C2    H2     sing N N 37  
DA  N3    C4     sing Y N 38  
DC  OP3   P      sing N N 39  
DC  OP3   HOP3   sing N N 40  
DC  P     OP1    doub N N 41  
DC  P     OP2    sing N N 42  
DC  P     "O5'"  sing N N 43  
DC  OP2   HOP2   sing N N 44  
DC  "O5'" "C5'"  sing N N 45  
DC  "C5'" "C4'"  sing N N 46  
DC  "C5'" "H5'"  sing N N 47  
DC  "C5'" "H5''" sing N N 48  
DC  "C4'" "O4'"  sing N N 49  
DC  "C4'" "C3'"  sing N N 50  
DC  "C4'" "H4'"  sing N N 51  
DC  "O4'" "C1'"  sing N N 52  
DC  "C3'" "O3'"  sing N N 53  
DC  "C3'" "C2'"  sing N N 54  
DC  "C3'" "H3'"  sing N N 55  
DC  "O3'" "HO3'" sing N N 56  
DC  "C2'" "C1'"  sing N N 57  
DC  "C2'" "H2'"  sing N N 58  
DC  "C2'" "H2''" sing N N 59  
DC  "C1'" N1     sing N N 60  
DC  "C1'" "H1'"  sing N N 61  
DC  N1    C2     sing N N 62  
DC  N1    C6     sing N N 63  
DC  C2    O2     doub N N 64  
DC  C2    N3     sing N N 65  
DC  N3    C4     doub N N 66  
DC  C4    N4     sing N N 67  
DC  C4    C5     sing N N 68  
DC  N4    H41    sing N N 69  
DC  N4    H42    sing N N 70  
DC  C5    C6     doub N N 71  
DC  C5    H5     sing N N 72  
DC  C6    H6     sing N N 73  
DG  OP3   P      sing N N 74  
DG  OP3   HOP3   sing N N 75  
DG  P     OP1    doub N N 76  
DG  P     OP2    sing N N 77  
DG  P     "O5'"  sing N N 78  
DG  OP2   HOP2   sing N N 79  
DG  "O5'" "C5'"  sing N N 80  
DG  "C5'" "C4'"  sing N N 81  
DG  "C5'" "H5'"  sing N N 82  
DG  "C5'" "H5''" sing N N 83  
DG  "C4'" "O4'"  sing N N 84  
DG  "C4'" "C3'"  sing N N 85  
DG  "C4'" "H4'"  sing N N 86  
DG  "O4'" "C1'"  sing N N 87  
DG  "C3'" "O3'"  sing N N 88  
DG  "C3'" "C2'"  sing N N 89  
DG  "C3'" "H3'"  sing N N 90  
DG  "O3'" "HO3'" sing N N 91  
DG  "C2'" "C1'"  sing N N 92  
DG  "C2'" "H2'"  sing N N 93  
DG  "C2'" "H2''" sing N N 94  
DG  "C1'" N9     sing N N 95  
DG  "C1'" "H1'"  sing N N 96  
DG  N9    C8     sing Y N 97  
DG  N9    C4     sing Y N 98  
DG  C8    N7     doub Y N 99  
DG  C8    H8     sing N N 100 
DG  N7    C5     sing Y N 101 
DG  C5    C6     sing N N 102 
DG  C5    C4     doub Y N 103 
DG  C6    O6     doub N N 104 
DG  C6    N1     sing N N 105 
DG  N1    C2     sing N N 106 
DG  N1    H1     sing N N 107 
DG  C2    N2     sing N N 108 
DG  C2    N3     doub N N 109 
DG  N2    H21    sing N N 110 
DG  N2    H22    sing N N 111 
DG  N3    C4     sing N N 112 
DT  OP3   P      sing N N 113 
DT  OP3   HOP3   sing N N 114 
DT  P     OP1    doub N N 115 
DT  P     OP2    sing N N 116 
DT  P     "O5'"  sing N N 117 
DT  OP2   HOP2   sing N N 118 
DT  "O5'" "C5'"  sing N N 119 
DT  "C5'" "C4'"  sing N N 120 
DT  "C5'" "H5'"  sing N N 121 
DT  "C5'" "H5''" sing N N 122 
DT  "C4'" "O4'"  sing N N 123 
DT  "C4'" "C3'"  sing N N 124 
DT  "C4'" "H4'"  sing N N 125 
DT  "O4'" "C1'"  sing N N 126 
DT  "C3'" "O3'"  sing N N 127 
DT  "C3'" "C2'"  sing N N 128 
DT  "C3'" "H3'"  sing N N 129 
DT  "O3'" "HO3'" sing N N 130 
DT  "C2'" "C1'"  sing N N 131 
DT  "C2'" "H2'"  sing N N 132 
DT  "C2'" "H2''" sing N N 133 
DT  "C1'" N1     sing N N 134 
DT  "C1'" "H1'"  sing N N 135 
DT  N1    C2     sing N N 136 
DT  N1    C6     sing N N 137 
DT  C2    O2     doub N N 138 
DT  C2    N3     sing N N 139 
DT  N3    C4     sing N N 140 
DT  N3    H3     sing N N 141 
DT  C4    O4     doub N N 142 
DT  C4    C5     sing N N 143 
DT  C5    C7     sing N N 144 
DT  C5    C6     doub N N 145 
DT  C7    H71    sing N N 146 
DT  C7    H72    sing N N 147 
DT  C7    H73    sing N N 148 
DT  C6    H6     sing N N 149 
UFP N1    C2     sing N N 150 
UFP N1    C6     sing N N 151 
UFP N1    "C1'"  sing N N 152 
UFP C2    N3     sing N N 153 
UFP C2    O2     doub N N 154 
UFP N3    C4     sing N N 155 
UFP N3    HN3    sing N N 156 
UFP C4    C5     sing N N 157 
UFP C4    O4     doub N N 158 
UFP C5    C6     doub N N 159 
UFP C5    F5     sing N N 160 
UFP C6    H6     sing N N 161 
UFP "C1'" "C2'"  sing N N 162 
UFP "C1'" "O4'"  sing N N 163 
UFP "C1'" "H1'"  sing N N 164 
UFP "C2'" "C3'"  sing N N 165 
UFP "C2'" "H2'1" sing N N 166 
UFP "C2'" "H2'2" sing N N 167 
UFP "C3'" "C4'"  sing N N 168 
UFP "C3'" "O3'"  sing N N 169 
UFP "C3'" "H3'"  sing N N 170 
UFP "C4'" "O4'"  sing N N 171 
UFP "C4'" "C5'"  sing N N 172 
UFP "C4'" "H4'"  sing N N 173 
UFP "O3'" "HO3'" sing N N 174 
UFP "C5'" "O5'"  sing N N 175 
UFP "C5'" "H5'1" sing N N 176 
UFP "C5'" "H5'2" sing N N 177 
UFP "O5'" P      sing N N 178 
UFP P     O1P    doub N N 179 
UFP P     O2P    sing N N 180 
UFP P     O3P    sing N N 181 
UFP O2P   HOP2   sing N N 182 
UFP O3P   HOP3   sing N N 183 
# 
loop_
_ndb_struct_conf_na.entry_id 
_ndb_struct_conf_na.feature 
9KCC 'a-form double helix' 
9KCC 'internal loop'       
# 
loop_
_ndb_struct_na_base_pair.model_number 
_ndb_struct_na_base_pair.i_label_asym_id 
_ndb_struct_na_base_pair.i_label_comp_id 
_ndb_struct_na_base_pair.i_label_seq_id 
_ndb_struct_na_base_pair.i_symmetry 
_ndb_struct_na_base_pair.j_label_asym_id 
_ndb_struct_na_base_pair.j_label_comp_id 
_ndb_struct_na_base_pair.j_label_seq_id 
_ndb_struct_na_base_pair.j_symmetry 
_ndb_struct_na_base_pair.shear 
_ndb_struct_na_base_pair.stretch 
_ndb_struct_na_base_pair.stagger 
_ndb_struct_na_base_pair.buckle 
_ndb_struct_na_base_pair.propeller 
_ndb_struct_na_base_pair.opening 
_ndb_struct_na_base_pair.pair_number 
_ndb_struct_na_base_pair.pair_name 
_ndb_struct_na_base_pair.i_auth_asym_id 
_ndb_struct_na_base_pair.i_auth_seq_id 
_ndb_struct_na_base_pair.i_PDB_ins_code 
_ndb_struct_na_base_pair.j_auth_asym_id 
_ndb_struct_na_base_pair.j_auth_seq_id 
_ndb_struct_na_base_pair.j_PDB_ins_code 
_ndb_struct_na_base_pair.hbond_type_28 
_ndb_struct_na_base_pair.hbond_type_12 
1 A DG 1 1_555 A DC 12 8_665 -0.074 -0.218 -0.081 -9.124 0.597   4.352 1  A_DG1:DC12_A A 1 ? A 12 ? 19 1 
1 A DG 2 1_555 A DC 11 8_665 -0.200 -0.221 -0.115 -4.864 -4.697  3.615 2  A_DG2:DC11_A A 2 ? A 11 ? 19 1 
1 A DA 3 1_555 A DT 10 8_665 -0.022 -0.284 0.083  -0.964 -10.332 4.933 3  A_DA3:DT10_A A 3 ? A 10 ? 20 1 
1 A DC 4 1_555 A DG 9  8_665 0.003  -0.219 -0.035 10.123 -10.239 3.888 4  A_DC4:DG9_A  A 4 ? A 9  ? 19 1 
1 A DC 5 1_555 A DG 8  8_665 0.273  -0.243 -0.323 9.557  -11.968 3.213 5  A_DC5:DG8_A  A 5 ? A 8  ? 19 1 
1 A DG 1 8_665 A DC 12 1_555 -0.074 -0.218 -0.081 -9.124 0.597   4.352 6  A_DG1:DC12_A A 1 ? A 12 ? 19 1 
1 A DG 2 8_665 A DC 11 1_555 -0.200 -0.221 -0.115 -4.864 -4.697  3.615 7  A_DG2:DC11_A A 2 ? A 11 ? 19 1 
1 A DA 3 8_665 A DT 10 1_555 -0.022 -0.284 0.083  -0.964 -10.332 4.933 8  A_DA3:DT10_A A 3 ? A 10 ? 20 1 
1 A DC 4 8_665 A DG 9  1_555 0.003  -0.219 -0.035 10.123 -10.239 3.888 9  A_DC4:DG9_A  A 4 ? A 9  ? 19 1 
1 A DC 5 8_665 A DG 8  1_555 0.273  -0.243 -0.323 9.557  -11.968 3.213 10 A_DC5:DG8_A  A 5 ? A 8  ? 19 1 
# 
loop_
_ndb_struct_na_base_pair_step.model_number 
_ndb_struct_na_base_pair_step.i_label_asym_id_1 
_ndb_struct_na_base_pair_step.i_label_comp_id_1 
_ndb_struct_na_base_pair_step.i_label_seq_id_1 
_ndb_struct_na_base_pair_step.i_symmetry_1 
_ndb_struct_na_base_pair_step.j_label_asym_id_1 
_ndb_struct_na_base_pair_step.j_label_comp_id_1 
_ndb_struct_na_base_pair_step.j_label_seq_id_1 
_ndb_struct_na_base_pair_step.j_symmetry_1 
_ndb_struct_na_base_pair_step.i_label_asym_id_2 
_ndb_struct_na_base_pair_step.i_label_comp_id_2 
_ndb_struct_na_base_pair_step.i_label_seq_id_2 
_ndb_struct_na_base_pair_step.i_symmetry_2 
_ndb_struct_na_base_pair_step.j_label_asym_id_2 
_ndb_struct_na_base_pair_step.j_label_comp_id_2 
_ndb_struct_na_base_pair_step.j_label_seq_id_2 
_ndb_struct_na_base_pair_step.j_symmetry_2 
_ndb_struct_na_base_pair_step.shift 
_ndb_struct_na_base_pair_step.slide 
_ndb_struct_na_base_pair_step.rise 
_ndb_struct_na_base_pair_step.tilt 
_ndb_struct_na_base_pair_step.roll 
_ndb_struct_na_base_pair_step.twist 
_ndb_struct_na_base_pair_step.x_displacement 
_ndb_struct_na_base_pair_step.y_displacement 
_ndb_struct_na_base_pair_step.helical_rise 
_ndb_struct_na_base_pair_step.inclination 
_ndb_struct_na_base_pair_step.tip 
_ndb_struct_na_base_pair_step.helical_twist 
_ndb_struct_na_base_pair_step.step_number 
_ndb_struct_na_base_pair_step.step_name 
_ndb_struct_na_base_pair_step.i_auth_asym_id_1 
_ndb_struct_na_base_pair_step.i_auth_seq_id_1 
_ndb_struct_na_base_pair_step.i_PDB_ins_code_1 
_ndb_struct_na_base_pair_step.j_auth_asym_id_1 
_ndb_struct_na_base_pair_step.j_auth_seq_id_1 
_ndb_struct_na_base_pair_step.j_PDB_ins_code_1 
_ndb_struct_na_base_pair_step.i_auth_asym_id_2 
_ndb_struct_na_base_pair_step.i_auth_seq_id_2 
_ndb_struct_na_base_pair_step.i_PDB_ins_code_2 
_ndb_struct_na_base_pair_step.j_auth_asym_id_2 
_ndb_struct_na_base_pair_step.j_auth_seq_id_2 
_ndb_struct_na_base_pair_step.j_PDB_ins_code_2 
1 A DG 1 1_555 A DC 12 8_665 A DG 2 1_555 A DC 11 8_665 0.168  -1.596 3.247 2.362  0.966 29.316 -3.347 0.168  3.198 1.904  -4.655 
29.424 1 AA_DG1DG2:DC11DC12_AA A 1 ? A 12 ? A 2 ? A 11 ? 
1 A DG 2 1_555 A DC 11 8_665 A DA 3 1_555 A DT 10 8_665 -0.242 -1.243 3.273 0.644  0.281 34.574 -2.134 0.507  3.258 0.473  -1.083 
34.581 2 AA_DG2DA3:DT10DC11_AA A 2 ? A 11 ? A 3 ? A 10 ? 
1 A DA 3 1_555 A DT 10 8_665 A DC 4 1_555 A DG 9  8_665 0.251  -1.375 3.089 -0.586 4.440 28.209 -3.709 -0.630 2.838 9.038  1.193  
28.555 3 AA_DA3DC4:DG9DT10_AA  A 3 ? A 10 ? A 4 ? A 9  ? 
1 A DC 4 1_555 A DG 9  8_665 A DC 5 1_555 A DG 8  8_665 -0.312 -1.892 3.269 0.263  8.092 30.093 -4.955 0.629  2.679 15.242 -0.496 
31.138 4 AA_DC4DC5:DG8DG9_AA   A 4 ? A 9  ? A 5 ? A 8  ? 
1 A DG 1 8_665 A DC 12 1_555 A DG 2 8_665 A DC 11 1_555 0.168  -1.596 3.247 2.362  0.966 29.316 -3.347 0.168  3.198 1.904  -4.655 
29.424 5 AA_DG1DG2:DC11DC12_AA A 1 ? A 12 ? A 2 ? A 11 ? 
1 A DG 2 8_665 A DC 11 1_555 A DA 3 8_665 A DT 10 1_555 -0.242 -1.243 3.273 0.644  0.281 34.574 -2.134 0.507  3.258 0.473  -1.083 
34.581 6 AA_DG2DA3:DT10DC11_AA A 2 ? A 11 ? A 3 ? A 10 ? 
1 A DA 3 8_665 A DT 10 1_555 A DC 4 8_665 A DG 9  1_555 0.251  -1.375 3.089 -0.586 4.440 28.209 -3.709 -0.630 2.838 9.038  1.193  
28.555 7 AA_DA3DC4:DG9DT10_AA  A 3 ? A 10 ? A 4 ? A 9  ? 
1 A DC 4 8_665 A DG 9  1_555 A DC 5 8_665 A DG 8  1_555 -0.312 -1.892 3.269 0.263  8.092 30.093 -4.955 0.629  2.679 15.242 -0.496 
31.138 8 AA_DC4DC5:DG8DG9_AA   A 4 ? A 9  ? A 5 ? A 8  ? 
# 
_pdbx_audit_support.funding_organization   'Ministry of Education, Culture, Sports, Science and Technology (Japan)' 
_pdbx_audit_support.country                Japan 
_pdbx_audit_support.grant_number           ? 
_pdbx_audit_support.ordinal                1 
# 
_pdbx_initial_refinement_model.id               1 
_pdbx_initial_refinement_model.entity_id_list   ? 
_pdbx_initial_refinement_model.type             'in silico model' 
_pdbx_initial_refinement_model.source_name      Modeller 
_pdbx_initial_refinement_model.accession_code   ? 
_pdbx_initial_refinement_model.details          ? 
# 
_atom_sites.entry_id                    9KCC 
_atom_sites.Cartn_transf_matrix[1][1]   ? 
_atom_sites.Cartn_transf_matrix[1][2]   ? 
_atom_sites.Cartn_transf_matrix[1][3]   ? 
_atom_sites.Cartn_transf_matrix[2][1]   ? 
_atom_sites.Cartn_transf_matrix[2][2]   ? 
_atom_sites.Cartn_transf_matrix[2][3]   ? 
_atom_sites.Cartn_transf_matrix[3][1]   ? 
_atom_sites.Cartn_transf_matrix[3][2]   ? 
_atom_sites.Cartn_transf_matrix[3][3]   ? 
_atom_sites.Cartn_transf_vector[1]      ? 
_atom_sites.Cartn_transf_vector[2]      ? 
_atom_sites.Cartn_transf_vector[3]      ? 
_atom_sites.Cartn_transform_axes        ? 
_atom_sites.fract_transf_matrix[1][1]   0.01867194 
_atom_sites.fract_transf_matrix[1][2]   0.01390670 
_atom_sites.fract_transf_matrix[1][3]   0.00999883 
_atom_sites.fract_transf_matrix[2][1]   -0.00370265 
_atom_sites.fract_transf_matrix[2][2]   0.01771896 
_atom_sites.fract_transf_matrix[2][3]   -0.01772972 
_atom_sites.fract_transf_matrix[3][1]   -0.00884997 
_atom_sites.fract_transf_matrix[3][2]   0.00614098 
_atom_sites.fract_transf_matrix[3][3]   0.00798547 
_atom_sites.fract_transf_vector[1]      0.281531 
_atom_sites.fract_transf_vector[2]      0.739620 
_atom_sites.fract_transf_vector[3]      0.275085 
_atom_sites.solution_primary            ? 
_atom_sites.solution_secondary          ? 
_atom_sites.solution_hydrogens          ? 
_atom_sites.special_details             ? 
# 
loop_
_atom_type.symbol 
C  
CU 
F  
N  
O  
P  
# 
loop_
_atom_site.group_PDB 
_atom_site.id 
_atom_site.type_symbol 
_atom_site.label_atom_id 
_atom_site.label_alt_id 
_atom_site.label_comp_id 
_atom_site.label_asym_id 
_atom_site.label_entity_id 
_atom_site.label_seq_id 
_atom_site.pdbx_PDB_ins_code 
_atom_site.Cartn_x 
_atom_site.Cartn_y 
_atom_site.Cartn_z 
_atom_site.occupancy 
_atom_site.B_iso_or_equiv 
_atom_site.pdbx_formal_charge 
_atom_site.auth_seq_id 
_atom_site.auth_comp_id 
_atom_site.auth_asym_id 
_atom_site.auth_atom_id 
_atom_site.pdbx_PDB_model_num 
ATOM   1   O  "O5'" . DG  A 1 1  ? 4.444   -16.865 2.045   1.00 103.11 ? 1   DG  A "O5'" 1 
ATOM   2   C  "C5'" . DG  A 1 1  ? 4.796   -17.030 3.401   1.00 93.66  ? 1   DG  A "C5'" 1 
ATOM   3   C  "C4'" . DG  A 1 1  ? 6.101   -16.323 3.704   1.00 92.97  ? 1   DG  A "C4'" 1 
ATOM   4   O  "O4'" . DG  A 1 1  ? 7.171   -16.902 2.906   1.00 89.66  ? 1   DG  A "O4'" 1 
ATOM   5   C  "C3'" . DG  A 1 1  ? 6.131   -14.840 3.363   1.00 90.97  ? 1   DG  A "C3'" 1 
ATOM   6   O  "O3'" . DG  A 1 1  ? 5.610   -14.088 4.424   1.00 98.62  ? 1   DG  A "O3'" 1 
ATOM   7   C  "C2'" . DG  A 1 1  ? 7.626   -14.606 3.210   1.00 93.57  ? 1   DG  A "C2'" 1 
ATOM   8   C  "C1'" . DG  A 1 1  ? 8.039   -15.869 2.459   1.00 88.04  ? 1   DG  A "C1'" 1 
ATOM   9   N  N9    . DG  A 1 1  ? 7.899   -15.739 1.011   1.00 83.83  ? 1   DG  A N9    1 
ATOM   10  C  C8    . DG  A 1 1  ? 6.937   -16.312 0.216   1.00 86.12  ? 1   DG  A C8    1 
ATOM   11  N  N7    . DG  A 1 1  ? 7.074   -16.017 -1.056  1.00 90.53  ? 1   DG  A N7    1 
ATOM   12  C  C5    . DG  A 1 1  ? 8.185   -15.182 -1.098  1.00 82.99  ? 1   DG  A C5    1 
ATOM   13  C  C6    . DG  A 1 1  ? 8.804   -14.541 -2.197  1.00 86.06  ? 1   DG  A C6    1 
ATOM   14  O  O6    . DG  A 1 1  ? 8.485   -14.589 -3.395  1.00 90.18  ? 1   DG  A O6    1 
ATOM   15  N  N1    . DG  A 1 1  ? 9.917   -13.796 -1.806  1.00 84.88  ? 1   DG  A N1    1 
ATOM   16  C  C2    . DG  A 1 1  ? 10.358  -13.674 -0.510  1.00 86.29  ? 1   DG  A C2    1 
ATOM   17  N  N2    . DG  A 1 1  ? 11.444  -12.904 -0.322  1.00 81.96  ? 1   DG  A N2    1 
ATOM   18  N  N3    . DG  A 1 1  ? 9.773   -14.263 0.536   1.00 82.34  ? 1   DG  A N3    1 
ATOM   19  C  C4    . DG  A 1 1  ? 8.702   -14.998 0.166   1.00 82.16  ? 1   DG  A C4    1 
ATOM   20  P  P     . DG  A 1 2  ? 4.928   -12.666 4.129   1.00 99.36  ? 2   DG  A P     1 
ATOM   21  O  OP1   . DG  A 1 2  ? 4.359   -12.164 5.399   1.00 100.98 ? 2   DG  A OP1   1 
ATOM   22  O  OP2   . DG  A 1 2  ? 4.076   -12.875 2.928   1.00 97.79  ? 2   DG  A OP2   1 
ATOM   23  O  "O5'" . DG  A 1 2  ? 6.149   -11.726 3.726   1.00 94.29  ? 2   DG  A "O5'" 1 
ATOM   24  C  "C5'" . DG  A 1 2  ? 6.930   -11.100 4.727   1.00 91.34  ? 2   DG  A "C5'" 1 
ATOM   25  C  "C4'" . DG  A 1 2  ? 8.237   -10.602 4.132   1.00 95.15  ? 2   DG  A "C4'" 1 
ATOM   26  O  "O4'" . DG  A 1 2  ? 8.680   -11.527 3.108   1.00 95.00  ? 2   DG  A "O4'" 1 
ATOM   27  C  "C3'" . DG  A 1 2  ? 8.143   -9.278  3.406   1.00 95.23  ? 2   DG  A "C3'" 1 
ATOM   28  O  "O3'" . DG  A 1 2  ? 8.255   -8.219  4.318   1.00 98.09  ? 2   DG  A "O3'" 1 
ATOM   29  C  "C2'" . DG  A 1 2  ? 9.345   -9.340  2.472   1.00 90.37  ? 2   DG  A "C2'" 1 
ATOM   30  C  "C1'" . DG  A 1 2  ? 9.337   -10.815 2.064   1.00 91.75  ? 2   DG  A "C1'" 1 
ATOM   31  N  N9    . DG  A 1 2  ? 8.630   -11.081 0.802   1.00 90.15  ? 2   DG  A N9    1 
ATOM   32  C  C8    . DG  A 1 2  ? 7.438   -11.763 0.646   1.00 87.18  ? 2   DG  A C8    1 
ATOM   33  N  N7    . DG  A 1 2  ? 7.049   -11.853 -0.598  1.00 86.83  ? 2   DG  A N7    1 
ATOM   34  C  C5    . DG  A 1 2  ? 8.036   -11.180 -1.314  1.00 85.00  ? 2   DG  A C5    1 
ATOM   35  C  C6    . DG  A 1 2  ? 8.152   -10.949 -2.713  1.00 87.93  ? 2   DG  A C6    1 
ATOM   36  O  O6    . DG  A 1 2  ? 7.374   -11.307 -3.616  1.00 88.95  ? 2   DG  A O6    1 
ATOM   37  N  N1    . DG  A 1 2  ? 9.312   -10.233 -3.029  1.00 85.35  ? 2   DG  A N1    1 
ATOM   38  C  C2    . DG  A 1 2  ? 10.233  -9.784  -2.103  1.00 87.54  ? 2   DG  A C2    1 
ATOM   39  N  N2    . DG  A 1 2  ? 11.277  -9.105  -2.596  1.00 85.08  ? 2   DG  A N2    1 
ATOM   40  N  N3    . DG  A 1 2  ? 10.137  -9.994  -0.785  1.00 82.78  ? 2   DG  A N3    1 
ATOM   41  C  C4    . DG  A 1 2  ? 9.019   -10.700 -0.468  1.00 84.20  ? 2   DG  A C4    1 
ATOM   42  P  P     . DA  A 1 3  ? 7.555   -6.819  3.981   1.00 96.66  ? 3   DA  A P     1 
ATOM   43  O  OP1   . DA  A 1 3  ? 7.665   -5.968  5.192   1.00 100.78 ? 3   DA  A OP1   1 
ATOM   44  O  OP2   . DA  A 1 3  ? 6.223   -7.160  3.414   1.00 95.13  ? 3   DA  A OP2   1 
ATOM   45  O  "O5'" . DA  A 1 3  ? 8.507   -6.168  2.880   1.00 93.01  ? 3   DA  A "O5'" 1 
ATOM   46  C  "C5'" . DA  A 1 3  ? 9.863   -5.878  3.216   1.00 93.19  ? 3   DA  A "C5'" 1 
ATOM   47  C  "C4'" . DA  A 1 3  ? 10.613  -5.339  2.014   1.00 95.98  ? 3   DA  A "C4'" 1 
ATOM   48  O  "O4'" . DA  A 1 3  ? 10.759  -6.386  1.020   1.00 91.89  ? 3   DA  A "O4'" 1 
ATOM   49  C  "C3'" . DA  A 1 3  ? 9.899   -4.230  1.280   1.00 95.87  ? 3   DA  A "C3'" 1 
ATOM   50  O  "O3'" . DA  A 1 3  ? 10.154  -2.987  1.888   1.00 99.38  ? 3   DA  A "O3'" 1 
ATOM   51  C  "C2'" . DA  A 1 3  ? 10.513  -4.325  -0.100  1.00 94.11  ? 3   DA  A "C2'" 1 
ATOM   52  C  "C1'" . DA  A 1 3  ? 10.573  -5.837  -0.281  1.00 93.23  ? 3   DA  A "C1'" 1 
ATOM   53  N  N9    . DA  A 1 3  ? 9.357   -6.420  -0.881  1.00 93.58  ? 3   DA  A N9    1 
ATOM   54  C  C8    . DA  A 1 3  ? 8.285   -6.977  -0.224  1.00 89.41  ? 3   DA  A C8    1 
ATOM   55  N  N7    . DA  A 1 3  ? 7.347   -7.433  -1.031  1.00 87.74  ? 3   DA  A N7    1 
ATOM   56  C  C5    . DA  A 1 3  ? 7.827   -7.150  -2.301  1.00 82.19  ? 3   DA  A C5    1 
ATOM   57  C  C6    . DA  A 1 3  ? 7.300   -7.379  -3.588  1.00 82.86  ? 3   DA  A C6    1 
ATOM   58  N  N6    . DA  A 1 3  ? 6.129   -7.977  -3.801  1.00 82.35  ? 3   DA  A N6    1 
ATOM   59  N  N1    . DA  A 1 3  ? 8.034   -6.979  -4.652  1.00 85.13  ? 3   DA  A N1    1 
ATOM   60  C  C2    . DA  A 1 3  ? 9.220   -6.386  -4.430  1.00 86.64  ? 3   DA  A C2    1 
ATOM   61  N  N3    . DA  A 1 3  ? 9.820   -6.117  -3.263  1.00 86.73  ? 3   DA  A N3    1 
ATOM   62  C  C4    . DA  A 1 3  ? 9.066   -6.530  -2.231  1.00 85.51  ? 3   DA  A C4    1 
ATOM   63  P  P     . DC  A 1 4  ? 8.962   -1.912  1.952   1.00 104.48 ? 4   DC  A P     1 
ATOM   64  O  OP1   . DC  A 1 4  ? 9.413   -0.795  2.819   1.00 109.81 ? 4   DC  A OP1   1 
ATOM   65  O  OP2   . DC  A 1 4  ? 7.711   -2.645  2.295   1.00 88.04  ? 4   DC  A OP2   1 
ATOM   66  O  "O5'" . DC  A 1 4  ? 8.888   -1.385  0.440   1.00 92.98  ? 4   DC  A "O5'" 1 
ATOM   67  C  "C5'" . DC  A 1 4  ? 9.975   -0.676  -0.070  1.00 93.67  ? 4   DC  A "C5'" 1 
ATOM   68  C  "C4'" . DC  A 1 4  ? 9.961   -0.672  -1.577  1.00 94.43  ? 4   DC  A "C4'" 1 
ATOM   69  O  "O4'" . DC  A 1 4  ? 9.914   -2.029  -2.085  1.00 94.56  ? 4   DC  A "O4'" 1 
ATOM   70  C  "C3'" . DC  A 1 4  ? 8.757   -0.020  -2.210  1.00 92.30  ? 4   DC  A "C3'" 1 
ATOM   71  O  "O3'" . DC  A 1 4  ? 8.889   1.377   -2.165  1.00 96.87  ? 4   DC  A "O3'" 1 
ATOM   72  C  "C2'" . DC  A 1 4  ? 8.892   -0.557  -3.632  1.00 89.16  ? 4   DC  A "C2'" 1 
ATOM   73  C  "C1'" . DC  A 1 4  ? 9.251   -2.021  -3.347  1.00 89.07  ? 4   DC  A "C1'" 1 
ATOM   74  N  N1    . DC  A 1 4  ? 8.040   -2.895  -3.276  1.00 85.25  ? 4   DC  A N1    1 
ATOM   75  C  C2    . DC  A 1 4  ? 7.476   -3.350  -4.461  1.00 85.17  ? 4   DC  A C2    1 
ATOM   76  O  O2    . DC  A 1 4  ? 8.021   -3.038  -5.534  1.00 87.41  ? 4   DC  A O2    1 
ATOM   77  N  N3    . DC  A 1 4  ? 6.356   -4.126  -4.408  1.00 82.13  ? 4   DC  A N3    1 
ATOM   78  C  C4    . DC  A 1 4  ? 5.814   -4.439  -3.231  1.00 80.61  ? 4   DC  A C4    1 
ATOM   79  N  N4    . DC  A 1 4  ? 4.712   -5.206  -3.229  1.00 73.92  ? 4   DC  A N4    1 
ATOM   80  C  C5    . DC  A 1 4  ? 6.368   -3.965  -2.001  1.00 83.87  ? 4   DC  A C5    1 
ATOM   81  C  C6    . DC  A 1 4  ? 7.471   -3.202  -2.069  1.00 85.59  ? 4   DC  A C6    1 
ATOM   82  P  P     . DC  A 1 5  ? 7.584   2.310   -2.195  1.00 95.83  ? 5   DC  A P     1 
ATOM   83  O  OP1   . DC  A 1 5  ? 8.060   3.680   -1.908  1.00 103.17 ? 5   DC  A OP1   1 
ATOM   84  O  OP2   . DC  A 1 5  ? 6.529   1.708   -1.347  1.00 96.89  ? 5   DC  A OP2   1 
ATOM   85  O  "O5'" . DC  A 1 5  ? 7.093   2.232   -3.715  1.00 88.86  ? 5   DC  A "O5'" 1 
ATOM   86  C  "C5'" . DC  A 1 5  ? 7.978   2.589   -4.754  1.00 87.80  ? 5   DC  A "C5'" 1 
ATOM   87  C  "C4'" . DC  A 1 5  ? 7.351   2.304   -6.102  1.00 87.15  ? 5   DC  A "C4'" 1 
ATOM   88  O  "O4'" . DC  A 1 5  ? 7.314   0.879   -6.333  1.00 86.65  ? 5   DC  A "O4'" 1 
ATOM   89  C  "C3'" . DC  A 1 5  ? 5.899   2.727   -6.235  1.00 86.37  ? 5   DC  A "C3'" 1 
ATOM   90  O  "O3'" . DC  A 1 5  ? 5.831   4.085   -6.523  1.00 88.81  ? 5   DC  A "O3'" 1 
ATOM   91  C  "C2'" . DC  A 1 5  ? 5.480   1.888   -7.430  1.00 88.18  ? 5   DC  A "C2'" 1 
ATOM   92  C  "C1'" . DC  A 1 5  ? 6.164   0.562   -7.105  1.00 85.14  ? 5   DC  A "C1'" 1 
ATOM   93  N  N1    . DC  A 1 5  ? 5.283   -0.351  -6.326  1.00 81.33  ? 5   DC  A N1    1 
ATOM   94  C  C2    . DC  A 1 5  ? 4.371   -1.144  -7.016  1.00 82.78  ? 5   DC  A C2    1 
ATOM   95  O  O2    . DC  A 1 5  ? 4.337   -1.071  -8.254  1.00 82.01  ? 5   DC  A O2    1 
ATOM   96  N  N3    . DC  A 1 5  ? 3.546   -1.966  -6.314  1.00 81.65  ? 5   DC  A N3    1 
ATOM   97  C  C4    . DC  A 1 5  ? 3.613   -2.003  -4.985  1.00 80.57  ? 5   DC  A C4    1 
ATOM   98  N  N4    . DC  A 1 5  ? 2.793   -2.839  -4.349  1.00 78.12  ? 5   DC  A N4    1 
ATOM   99  C  C5    . DC  A 1 5  ? 4.535   -1.189  -4.253  1.00 79.95  ? 5   DC  A C5    1 
ATOM   100 C  C6    . DC  A 1 5  ? 5.341   -0.381  -4.958  1.00 81.69  ? 5   DC  A C6    1 
ATOM   101 P  P     . DC  A 1 6  ? 4.502   4.913   -6.211  1.00 86.50  ? 6   DC  A P     1 
ATOM   102 O  OP1   . DC  A 1 6  ? 4.845   6.303   -6.550  1.00 94.32  ? 6   DC  A OP1   1 
ATOM   103 O  OP2   . DC  A 1 6  ? 3.989   4.523   -4.876  1.00 87.59  ? 6   DC  A OP2   1 
ATOM   104 O  "O5'" . DC  A 1 6  ? 3.455   4.414   -7.297  1.00 82.75  ? 6   DC  A "O5'" 1 
ATOM   105 C  "C5'" . DC  A 1 6  ? 3.683   4.666   -8.646  1.00 80.99  ? 6   DC  A "C5'" 1 
ATOM   106 C  "C4'" . DC  A 1 6  ? 2.533   4.127   -9.467  1.00 84.55  ? 6   DC  A "C4'" 1 
ATOM   107 O  "O4'" . DC  A 1 6  ? 2.516   2.681   -9.405  1.00 83.24  ? 6   DC  A "O4'" 1 
ATOM   108 C  "C3'" . DC  A 1 6  ? 1.162   4.558   -8.993  1.00 84.22  ? 6   DC  A "C3'" 1 
ATOM   109 O  "O3'" . DC  A 1 6  ? 0.862   5.791   -9.584  1.00 86.44  ? 6   DC  A "O3'" 1 
ATOM   110 C  "C2'" . DC  A 1 6  ? 0.273   3.452   -9.555  1.00 84.75  ? 6   DC  A "C2'" 1 
ATOM   111 C  "C1'" . DC  A 1 6  ? 1.181   2.217   -9.462  1.00 84.40  ? 6   DC  A "C1'" 1 
ATOM   112 N  N1    . DC  A 1 6  ? 0.914   1.397   -8.255  1.00 82.54  ? 6   DC  A N1    1 
ATOM   113 C  C2    . DC  A 1 6  ? -0.126  0.486   -8.274  1.00 83.42  ? 6   DC  A C2    1 
ATOM   114 O  O2    . DC  A 1 6  ? -0.799  0.376   -9.301  1.00 87.31  ? 6   DC  A O2    1 
ATOM   115 N  N3    . DC  A 1 6  ? -0.373  -0.255  -7.167  1.00 85.45  ? 6   DC  A N3    1 
ATOM   116 C  C4    . DC  A 1 6  ? 0.382   -0.108  -6.080  1.00 84.24  ? 6   DC  A C4    1 
ATOM   117 N  N4    . DC  A 1 6  ? 0.097   -0.862  -5.004  1.00 79.73  ? 6   DC  A N4    1 
ATOM   118 C  C5    . DC  A 1 6  ? 1.458   0.822   -6.044  1.00 83.57  ? 6   DC  A C5    1 
ATOM   119 C  C6    . DC  A 1 6  ? 1.684   1.548   -7.143  1.00 84.18  ? 6   DC  A C6    1 
HETATM 120 N  N1    . UFP A 1 7  ? -3.594  2.961   -7.800  1.00 87.02  ? 7   UFP A N1    1 
HETATM 121 C  C2    . UFP A 1 7  ? -4.240  1.900   -7.127  1.00 87.97  ? 7   UFP A C2    1 
HETATM 122 N  N3    . UFP A 1 7  ? -3.612  1.382   -5.976  1.00 88.41  ? 7   UFP A N3    1 
HETATM 123 C  C4    . UFP A 1 7  ? -2.397  1.847   -5.464  1.00 86.85  ? 7   UFP A C4    1 
HETATM 124 C  C5    . UFP A 1 7  ? -1.823  2.944   -6.227  1.00 84.50  ? 7   UFP A C5    1 
HETATM 125 C  C6    . UFP A 1 7  ? -2.395  3.469   -7.336  1.00 84.26  ? 7   UFP A C6    1 
HETATM 126 O  O2    . UFP A 1 7  ? -5.311  1.418   -7.493  1.00 89.81  ? 7   UFP A O2    1 
HETATM 127 O  O4    . UFP A 1 7  ? -1.928  1.329   -4.450  1.00 84.64  ? 7   UFP A O4    1 
HETATM 128 F  F5    . UFP A 1 7  ? -0.666  3.424   -5.772  1.00 84.75  ? 7   UFP A F5    1 
HETATM 129 C  "C1'" . UFP A 1 7  ? -4.305  3.522   -9.039  1.00 87.74  ? 7   UFP A "C1'" 1 
HETATM 130 C  "C2'" . UFP A 1 7  ? -5.269  4.657   -8.670  1.00 88.01  ? 7   UFP A "C2'" 1 
HETATM 131 C  "C3'" . UFP A 1 7  ? -4.311  5.865   -8.718  1.00 87.09  ? 7   UFP A "C3'" 1 
HETATM 132 C  "C4'" . UFP A 1 7  ? -3.561  5.481   -9.998  1.00 89.99  ? 7   UFP A "C4'" 1 
HETATM 133 O  "O3'" . UFP A 1 7  ? -5.117  7.007   -8.907  1.00 93.88  ? 7   UFP A "O3'" 1 
HETATM 134 O  "O4'" . UFP A 1 7  ? -3.346  4.067   -9.892  1.00 89.19  ? 7   UFP A "O4'" 1 
HETATM 135 C  "C5'" . UFP A 1 7  ? -2.206  6.250   -10.141 1.00 85.14  ? 7   UFP A "C5'" 1 
HETATM 136 O  "O5'" . UFP A 1 7  ? -1.675  6.356   -8.922  1.00 83.16  ? 7   UFP A "O5'" 1 
HETATM 137 P  P     . UFP A 1 7  ? 0.038   6.906   -8.785  1.00 82.98  ? 7   UFP A P     1 
HETATM 138 O  O1P   . UFP A 1 7  ? 0.009   8.207   -9.542  1.00 91.47  ? 7   UFP A O1P   1 
HETATM 139 O  O2P   . UFP A 1 7  ? 0.334   6.946   -7.307  1.00 81.87  ? 7   UFP A O2P   1 
ATOM   140 P  P     . DG  A 1 8  ? -5.493  7.975   -7.675  1.00 95.11  ? 8   DG  A P     1 
ATOM   141 O  OP1   . DG  A 1 8  ? -6.211  9.100   -8.297  1.00 102.32 ? 8   DG  A OP1   1 
ATOM   142 O  OP2   . DG  A 1 8  ? -4.305  8.292   -6.843  1.00 91.57  ? 8   DG  A OP2   1 
ATOM   143 O  "O5'" . DG  A 1 8  ? -6.502  7.108   -6.782  1.00 89.95  ? 8   DG  A "O5'" 1 
ATOM   144 C  "C5'" . DG  A 1 8  ? -7.784  6.778   -7.286  1.00 91.40  ? 8   DG  A "C5'" 1 
ATOM   145 C  "C4'" . DG  A 1 8  ? -8.424  5.656   -6.486  1.00 89.66  ? 8   DG  A "C4'" 1 
ATOM   146 O  "O4'" . DG  A 1 8  ? -7.590  4.476   -6.536  1.00 92.40  ? 8   DG  A "O4'" 1 
ATOM   147 C  "C3'" . DG  A 1 8  ? -8.578  5.896   -5.005  1.00 90.34  ? 8   DG  A "C3'" 1 
ATOM   148 O  "O3'" . DG  A 1 8  ? -9.676  6.762   -4.755  1.00 97.05  ? 8   DG  A "O3'" 1 
ATOM   149 C  "C2'" . DG  A 1 8  ? -8.861  4.469   -4.553  1.00 88.84  ? 8   DG  A "C2'" 1 
ATOM   150 C  "C1'" . DG  A 1 8  ? -7.825  3.702   -5.374  1.00 88.01  ? 8   DG  A "C1'" 1 
ATOM   151 N  N9    . DG  A 1 8  ? -6.574  3.552   -4.649  1.00 86.25  ? 8   DG  A N9    1 
ATOM   152 C  C8    . DG  A 1 8  ? -5.417  4.276   -4.812  1.00 85.89  ? 8   DG  A C8    1 
ATOM   153 N  N7    . DG  A 1 8  ? -4.471  3.933   -3.974  1.00 89.21  ? 8   DG  A N7    1 
ATOM   154 C  C5    . DG  A 1 8  ? -5.059  2.941   -3.187  1.00 86.04  ? 8   DG  A C5    1 
ATOM   155 C  C6    . DG  A 1 8  ? -4.532  2.190   -2.107  1.00 82.19  ? 8   DG  A C6    1 
ATOM   156 O  O6    . DG  A 1 8  ? -3.406  2.255   -1.596  1.00 81.27  ? 8   DG  A O6    1 
ATOM   157 N  N1    . DG  A 1 8  ? -5.462  1.287   -1.610  1.00 84.11  ? 8   DG  A N1    1 
ATOM   158 C  C2    . DG  A 1 8  ? -6.744  1.129   -2.088  1.00 85.06  ? 8   DG  A C2    1 
ATOM   159 N  N2    . DG  A 1 8  ? -7.510  0.210   -1.465  1.00 83.17  ? 8   DG  A N2    1 
ATOM   160 N  N3    . DG  A 1 8  ? -7.244  1.824   -3.091  1.00 85.15  ? 8   DG  A N3    1 
ATOM   161 C  C4    . DG  A 1 8  ? -6.351  2.707   -3.590  1.00 85.36  ? 8   DG  A C4    1 
ATOM   162 P  P     . DG  A 1 9  ? -9.695  7.727   -3.467  1.00 100.66 ? 9   DG  A P     1 
ATOM   163 O  OP1   . DG  A 1 9  ? -10.936 8.523   -3.622  1.00 105.43 ? 9   DG  A OP1   1 
ATOM   164 O  OP2   . DG  A 1 9  ? -8.416  8.462   -3.336  1.00 96.26  ? 9   DG  A OP2   1 
ATOM   165 O  "O5'" . DG  A 1 9  ? -9.852  6.708   -2.229  1.00 93.59  ? 9   DG  A "O5'" 1 
ATOM   166 C  "C5'" . DG  A 1 9  ? -11.013 5.883   -2.150  1.00 92.08  ? 9   DG  A "C5'" 1 
ATOM   167 C  "C4'" . DG  A 1 9  ? -10.896 4.840   -1.053  1.00 88.78  ? 9   DG  A "C4'" 1 
ATOM   168 O  "O4'" . DG  A 1 9  ? -9.762  3.997   -1.305  1.00 88.60  ? 9   DG  A "O4'" 1 
ATOM   169 C  "C3'" . DG  A 1 9  ? -10.655 5.368   0.351   1.00 91.77  ? 9   DG  A "C3'" 1 
ATOM   170 O  "O3'" . DG  A 1 9  ? -11.890 5.825   0.939   1.00 90.41  ? 9   DG  A "O3'" 1 
ATOM   171 C  "C2'" . DG  A 1 9  ? -10.139 4.102   1.037   1.00 88.89  ? 9   DG  A "C2'" 1 
ATOM   172 C  "C1'" . DG  A 1 9  ? -9.303  3.448   -0.083  1.00 87.98  ? 9   DG  A "C1'" 1 
ATOM   173 N  N9    . DG  A 1 9  ? -7.870  3.723   0.040   1.00 84.71  ? 9   DG  A N9    1 
ATOM   174 C  C8    . DG  A 1 9  ? -7.134  4.628   -0.689  1.00 87.05  ? 9   DG  A C8    1 
ATOM   175 N  N7    . DG  A 1 9  ? -5.872  4.674   -0.342  1.00 87.01  ? 9   DG  A N7    1 
ATOM   176 C  C5    . DG  A 1 9  ? -5.774  3.754   0.695   1.00 83.52  ? 9   DG  A C5    1 
ATOM   177 C  C6    . DG  A 1 9  ? -4.656  3.377   1.472   1.00 80.25  ? 9   DG  A C6    1 
ATOM   178 O  O6    . DG  A 1 9  ? -3.504  3.791   1.400   1.00 79.69  ? 9   DG  A O6    1 
ATOM   179 N  N1    . DG  A 1 9  ? -4.984  2.415   2.417   1.00 82.43  ? 9   DG  A N1    1 
ATOM   180 C  C2    . DG  A 1 9  ? -6.234  1.885   2.595   1.00 82.57  ? 9   DG  A C2    1 
ATOM   181 N  N2    . DG  A 1 9  ? -6.346  0.966   3.557   1.00 85.24  ? 9   DG  A N2    1 
ATOM   182 N  N3    . DG  A 1 9  ? -7.299  2.228   1.878   1.00 80.73  ? 9   DG  A N3    1 
ATOM   183 C  C4    . DG  A 1 9  ? -6.994  3.164   0.946   1.00 83.51  ? 9   DG  A C4    1 
ATOM   184 P  P     . DT  A 1 10 ? -11.885 6.849   2.185   1.00 92.90  ? 10  DT  A P     1 
ATOM   185 O  OP1   . DT  A 1 10 ? -13.300 7.216   2.406   1.00 98.36  ? 10  DT  A OP1   1 
ATOM   186 O  OP2   . DT  A 1 10 ? -10.886 7.923   1.975   1.00 92.34  ? 10  DT  A OP2   1 
ATOM   187 O  "O5'" . DT  A 1 10 ? -11.363 5.983   3.418   1.00 83.44  ? 10  DT  A "O5'" 1 
ATOM   188 C  "C5'" . DT  A 1 10 ? -12.162 4.973   3.970   1.00 85.07  ? 10  DT  A "C5'" 1 
ATOM   189 C  "C4'" . DT  A 1 10 ? -11.369 4.219   5.011   1.00 89.30  ? 10  DT  A "C4'" 1 
ATOM   190 O  "O4'" . DT  A 1 10 ? -10.130 3.789   4.423   1.00 91.80  ? 10  DT  A "O4'" 1 
ATOM   191 C  "C3'" . DT  A 1 10 ? -10.927 5.054   6.189   1.00 92.77  ? 10  DT  A "C3'" 1 
ATOM   192 O  "O3'" . DT  A 1 10 ? -11.921 5.067   7.158   1.00 100.83 ? 10  DT  A "O3'" 1 
ATOM   193 C  "C2'" . DT  A 1 10 ? -9.708  4.290   6.691   1.00 93.56  ? 10  DT  A "C2'" 1 
ATOM   194 C  "C1'" . DT  A 1 10 ? -9.140  3.696   5.425   1.00 87.71  ? 10  DT  A "C1'" 1 
ATOM   195 N  N1    . DT  A 1 10 ? -7.910  4.359   4.950   1.00 86.36  ? 10  DT  A N1    1 
ATOM   196 C  C2    . DT  A 1 10 ? -6.712  3.948   5.464   1.00 88.57  ? 10  DT  A C2    1 
ATOM   197 O  O2    . DT  A 1 10 ? -6.626  3.088   6.322   1.00 92.83  ? 10  DT  A O2    1 
ATOM   198 N  N3    . DT  A 1 10 ? -5.610  4.572   4.940   1.00 85.23  ? 10  DT  A N3    1 
ATOM   199 C  C4    . DT  A 1 10 ? -5.593  5.550   3.971   1.00 83.27  ? 10  DT  A C4    1 
ATOM   200 O  O4    . DT  A 1 10 ? -4.550  6.060   3.579   1.00 87.32  ? 10  DT  A O4    1 
ATOM   201 C  C5    . DT  A 1 10 ? -6.885  5.941   3.462   1.00 86.80  ? 10  DT  A C5    1 
ATOM   202 C  C7    . DT  A 1 10 ? -6.989  7.007   2.412   1.00 82.26  ? 10  DT  A C7    1 
ATOM   203 C  C6    . DT  A 1 10 ? -7.977  5.329   3.970   1.00 87.77  ? 10  DT  A C6    1 
ATOM   204 P  P     . DC  A 1 11 ? -11.813 6.097   8.382   1.00 104.08 ? 11  DC  A P     1 
ATOM   205 O  OP1   . DC  A 1 11 ? -13.034 5.844   9.182   1.00 90.64  ? 11  DC  A OP1   1 
ATOM   206 O  OP2   . DC  A 1 11 ? -11.519 7.432   7.798   1.00 100.18 ? 11  DC  A OP2   1 
ATOM   207 O  "O5'" . DC  A 1 11 ? -10.480 5.650   9.168   1.00 96.98  ? 11  DC  A "O5'" 1 
ATOM   208 C  "C5'" . DC  A 1 11 ? -10.537 4.631   10.150  1.00 97.71  ? 11  DC  A "C5'" 1 
ATOM   209 C  "C4'" . DC  A 1 11 ? -9.156  4.358   10.700  1.00 94.63  ? 11  DC  A "C4'" 1 
ATOM   210 O  "O4'" . DC  A 1 11 ? -8.260  4.195   9.599   1.00 92.67  ? 11  DC  A "O4'" 1 
ATOM   211 C  "C3'" . DC  A 1 11 ? -8.530  5.497   11.492  1.00 94.39  ? 11  DC  A "C3'" 1 
ATOM   212 O  "O3'" . DC  A 1 11 ? -8.934  5.451   12.832  1.00 98.48  ? 11  DC  A "O3'" 1 
ATOM   213 C  "C2'" . DC  A 1 11 ? -7.044  5.179   11.383  1.00 97.99  ? 11  DC  A "C2'" 1 
ATOM   214 C  "C1'" . DC  A 1 11 ? -6.941  4.529   10.009  1.00 92.39  ? 11  DC  A "C1'" 1 
ATOM   215 N  N1    . DC  A 1 11 ? -6.333  5.417   9.003   1.00 84.92  ? 11  DC  A N1    1 
ATOM   216 C  C2    . DC  A 1 11 ? -4.956  5.496   8.934   1.00 85.51  ? 11  DC  A C2    1 
ATOM   217 O  O2    . DC  A 1 11 ? -4.287  4.808   9.710   1.00 87.60  ? 11  DC  A O2    1 
ATOM   218 N  N3    . DC  A 1 11 ? -4.383  6.308   8.008   1.00 87.58  ? 11  DC  A N3    1 
ATOM   219 C  C4    . DC  A 1 11 ? -5.152  7.031   7.194   1.00 86.81  ? 11  DC  A C4    1 
ATOM   220 N  N4    . DC  A 1 11 ? -4.545  7.820   6.302   1.00 84.57  ? 11  DC  A N4    1 
ATOM   221 C  C5    . DC  A 1 11 ? -6.576  6.980   7.266   1.00 87.17  ? 11  DC  A C5    1 
ATOM   222 C  C6    . DC  A 1 11 ? -7.119  6.173   8.185   1.00 87.86  ? 11  DC  A C6    1 
ATOM   223 P  P     . DC  A 1 12 ? -8.669  6.724   13.791  1.00 110.45 ? 12  DC  A P     1 
ATOM   224 O  OP1   . DC  A 1 12 ? -9.412  6.451   15.044  1.00 110.30 ? 12  DC  A OP1   1 
ATOM   225 O  OP2   . DC  A 1 12 ? -8.944  7.979   13.048  1.00 100.14 ? 12  DC  A OP2   1 
ATOM   226 O  "O5'" . DC  A 1 12 ? -7.089  6.695   14.067  1.00 98.08  ? 12  DC  A "O5'" 1 
ATOM   227 C  "C5'" . DC  A 1 12 ? -6.519  5.680   14.878  1.00 97.83  ? 12  DC  A "C5'" 1 
ATOM   228 C  "C4'" . DC  A 1 12 ? -5.011  5.829   14.920  1.00 95.40  ? 12  DC  A "C4'" 1 
ATOM   229 O  "O4'" . DC  A 1 12 ? -4.481  5.669   13.587  1.00 95.25  ? 12  DC  A "O4'" 1 
ATOM   230 C  "C3'" . DC  A 1 12 ? -4.524  7.199   15.341  1.00 94.95  ? 12  DC  A "C3'" 1 
ATOM   231 O  "O3'" . DC  A 1 12 ? -4.505  7.298   16.761  1.00 106.73 ? 12  DC  A "O3'" 1 
ATOM   232 C  "C2'" . DC  A 1 12 ? -3.120  7.220   14.763  1.00 90.29  ? 12  DC  A "C2'" 1 
ATOM   233 C  "C1'" . DC  A 1 12 ? -3.306  6.451   13.452  1.00 92.15  ? 12  DC  A "C1'" 1 
ATOM   234 N  N1    . DC  A 1 12 ? -3.440  7.338   12.253  1.00 88.49  ? 12  DC  A N1    1 
ATOM   235 C  C2    . DC  A 1 12 ? -2.289  7.835   11.657  1.00 87.56  ? 12  DC  A C2    1 
ATOM   236 O  O2    . DC  A 1 12 ? -1.195  7.521   12.138  1.00 88.57  ? 12  DC  A O2    1 
ATOM   237 N  N3    . DC  A 1 12 ? -2.398  8.641   10.566  1.00 88.67  ? 12  DC  A N3    1 
ATOM   238 C  C4    . DC  A 1 12 ? -3.605  8.956   10.087  1.00 87.02  ? 12  DC  A C4    1 
ATOM   239 N  N4    . DC  A 1 12 ? -3.661  9.751   9.008   1.00 84.30  ? 12  DC  A N4    1 
ATOM   240 C  C5    . DC  A 1 12 ? -4.803  8.457   10.686  1.00 84.69  ? 12  DC  A C5    1 
ATOM   241 C  C6    . DC  A 1 12 ? -4.676  7.662   11.759  1.00 87.82  ? 12  DC  A C6    1 
HETATM 242 CU CU    . CU  B 2 .  ? -2.003  -1.378  -7.335  0.73 82.37  ? 101 CU  A CU    1 
# 
